data_2J2P
#
_entry.id   2J2P
#
_cell.length_a   96.400
_cell.length_b   96.400
_cell.length_c   140.290
_cell.angle_alpha   90.00
_cell.angle_beta   90.00
_cell.angle_gamma   120.00
#
_symmetry.space_group_name_H-M   'P 32'
#
loop_
_entity.id
_entity.type
_entity.pdbx_description
1 polymer FICOLIN-2
2 branched 2-acetamido-2-deoxy-beta-D-glucopyranose-(1-4)-2-acetamido-2-deoxy-beta-D-glucopyranose
3 non-polymer 'CALCIUM ION'
4 non-polymer N-ACETYL-L-CYSTEINE
5 non-polymer beta-D-mannopyranose
6 water water
#
_entity_poly.entity_id   1
_entity_poly.type   'polypeptide(L)'
_entity_poly.pdbx_seq_one_letter_code
;NPCLTGPRTCKDLLDRGHFLSGWHTIYLPDCRPLTVLCDMDTDGGGWTVFQRRVDGSVDFYRDWATYKQGFGSRLGEFWL
GNDNIHALTAQGTSELRTDLVDFEDNYQFAKYRSFKVADEAEKYNLVLGAFVEGSAGDSLTFHNNQSFSTKDQDNDLNTG
NCAVMFQGAWWYKNCHTSNLNGRYLRGTHGSFANGINWKSGKGYNYSYKVSEMKVRPA
;
_entity_poly.pdbx_strand_id   A,B,C,D,E,F
#
# COMPACT_ATOMS: atom_id res chain seq x y z
N THR A 5 -20.99 0.85 52.48
CA THR A 5 -21.79 -0.06 51.60
C THR A 5 -21.18 -0.16 50.20
N GLY A 6 -21.85 0.44 49.21
CA GLY A 6 -21.36 0.42 47.83
C GLY A 6 -21.91 1.60 47.04
N PRO A 7 -21.35 1.85 45.84
CA PRO A 7 -21.75 2.96 44.99
C PRO A 7 -23.19 2.85 44.50
N ARG A 8 -23.91 3.96 44.52
CA ARG A 8 -25.35 3.98 44.20
C ARG A 8 -25.71 4.99 43.10
N THR A 9 -24.75 5.81 42.71
CA THR A 9 -24.93 6.75 41.61
C THR A 9 -23.57 7.05 41.00
N CYS A 10 -23.58 7.76 39.88
CA CYS A 10 -22.35 8.22 39.28
C CYS A 10 -21.75 9.32 40.15
N LYS A 11 -22.62 9.99 40.92
CA LYS A 11 -22.18 10.97 41.91
C LYS A 11 -21.20 10.31 42.88
N ASP A 12 -21.59 9.14 43.40
CA ASP A 12 -20.75 8.37 44.30
C ASP A 12 -19.40 8.15 43.64
N LEU A 13 -19.44 7.50 42.48
CA LEU A 13 -18.24 7.08 41.76
C LEU A 13 -17.27 8.22 41.50
N LEU A 14 -17.79 9.35 41.03
CA LEU A 14 -16.93 10.50 40.81
C LEU A 14 -16.27 10.89 42.13
N ASP A 15 -17.08 11.01 43.17
CA ASP A 15 -16.56 11.35 44.49
C ASP A 15 -15.49 10.35 44.93
N ARG A 16 -15.66 9.08 44.53
CA ARG A 16 -14.69 8.03 44.85
C ARG A 16 -13.48 8.02 43.90
N GLY A 17 -13.38 9.04 43.05
CA GLY A 17 -12.23 9.18 42.16
C GLY A 17 -12.26 8.45 40.83
N HIS A 18 -13.44 8.26 40.25
CA HIS A 18 -13.53 7.79 38.87
C HIS A 18 -13.79 9.02 37.99
N PHE A 19 -12.74 9.51 37.34
CA PHE A 19 -12.80 10.81 36.66
C PHE A 19 -13.09 10.73 35.15
N LEU A 20 -12.98 9.54 34.58
CA LEU A 20 -13.23 9.33 33.16
C LEU A 20 -14.67 8.90 32.97
N SER A 21 -15.32 9.42 31.94
CA SER A 21 -16.69 9.02 31.65
C SER A 21 -16.70 7.61 31.09
N GLY A 22 -17.82 6.91 31.32
CA GLY A 22 -17.93 5.54 30.85
C GLY A 22 -18.91 4.71 31.64
N TRP A 23 -19.08 3.46 31.20
CA TRP A 23 -20.02 2.54 31.83
C TRP A 23 -19.46 1.98 33.14
N HIS A 24 -20.14 2.29 34.24
CA HIS A 24 -19.78 1.80 35.56
C HIS A 24 -20.98 1.05 36.12
N THR A 25 -20.72 0.05 36.96
CA THR A 25 -21.83 -0.65 37.59
C THR A 25 -22.15 -0.09 38.98
N ILE A 26 -23.35 0.48 39.13
CA ILE A 26 -23.83 1.04 40.39
C ILE A 26 -24.84 0.11 41.03
N TYR A 27 -25.35 0.49 42.19
CA TYR A 27 -26.27 -0.37 42.92
C TYR A 27 -27.60 0.29 43.18
N LEU A 28 -28.64 -0.30 42.60
CA LEU A 28 -30.01 0.16 42.81
C LEU A 28 -30.40 -0.02 44.28
N PRO A 29 -31.18 0.92 44.83
CA PRO A 29 -31.80 0.83 46.15
C PRO A 29 -32.21 -0.61 46.49
N ASP A 30 -32.96 -1.20 45.56
CA ASP A 30 -33.28 -2.61 45.54
C ASP A 30 -31.98 -3.46 45.68
N CYS A 31 -30.85 -2.78 45.86
CA CYS A 31 -29.58 -3.26 45.28
C CYS A 31 -29.89 -3.95 43.95
N ARG A 32 -29.23 -5.06 43.66
CA ARG A 32 -29.29 -5.59 42.29
C ARG A 32 -28.43 -4.64 41.47
N PRO A 33 -27.53 -5.19 40.64
CA PRO A 33 -26.42 -4.43 40.02
C PRO A 33 -26.87 -3.28 39.09
N LEU A 34 -26.75 -3.48 37.78
CA LEU A 34 -27.13 -2.45 36.79
C LEU A 34 -25.98 -1.51 36.39
N THR A 35 -25.41 -1.79 35.21
CA THR A 35 -24.33 -1.01 34.63
C THR A 35 -24.86 0.22 33.88
N VAL A 36 -24.37 1.41 34.24
CA VAL A 36 -24.89 2.66 33.67
C VAL A 36 -23.78 3.53 33.05
N LEU A 37 -24.18 4.51 32.23
CA LEU A 37 -23.21 5.44 31.68
C LEU A 37 -23.04 6.62 32.63
N CYS A 38 -21.79 6.97 32.91
CA CYS A 38 -21.48 8.11 33.77
C CYS A 38 -20.77 9.19 32.98
N ASP A 39 -21.35 10.39 32.97
CA ASP A 39 -20.74 11.56 32.38
C ASP A 39 -20.00 12.30 33.48
N MET A 40 -18.69 12.14 33.52
CA MET A 40 -17.89 12.77 34.56
C MET A 40 -17.36 14.14 34.15
N ASP A 41 -17.78 14.65 33.00
CA ASP A 41 -17.25 15.92 32.47
C ASP A 41 -18.24 17.10 32.55
N THR A 42 -19.45 16.91 32.05
CA THR A 42 -20.37 18.01 31.88
C THR A 42 -20.81 18.61 33.19
N ASP A 43 -20.69 19.93 33.30
CA ASP A 43 -21.26 20.66 34.42
C ASP A 43 -20.84 20.04 35.75
N GLY A 44 -19.52 19.92 35.94
CA GLY A 44 -18.99 19.40 37.19
C GLY A 44 -18.99 17.88 37.31
N GLY A 45 -19.75 17.21 36.44
CA GLY A 45 -19.72 15.75 36.34
C GLY A 45 -20.60 14.98 37.34
N GLY A 46 -20.57 13.65 37.22
CA GLY A 46 -21.33 12.77 38.09
C GLY A 46 -22.76 12.52 37.67
N TRP A 47 -23.04 12.73 36.38
CA TRP A 47 -24.38 12.51 35.84
C TRP A 47 -24.56 11.06 35.38
N THR A 48 -25.68 10.45 35.75
CA THR A 48 -26.03 9.15 35.19
C THR A 48 -26.92 9.38 33.97
N VAL A 49 -26.54 8.77 32.85
CA VAL A 49 -27.21 9.04 31.58
C VAL A 49 -28.18 7.92 31.22
N PHE A 50 -29.45 8.25 31.02
CA PHE A 50 -30.44 7.23 30.68
C PHE A 50 -30.91 7.27 29.23
N GLN A 51 -30.51 8.29 28.48
CA GLN A 51 -30.87 8.39 27.08
C GLN A 51 -29.75 9.04 26.26
N ARG A 52 -29.48 8.49 25.08
CA ARG A 52 -28.42 9.01 24.24
C ARG A 52 -28.68 8.79 22.73
N ARG A 53 -28.60 9.88 21.96
CA ARG A 53 -28.72 9.83 20.50
C ARG A 53 -27.48 10.49 19.95
N VAL A 54 -26.85 9.89 18.95
CA VAL A 54 -25.56 10.40 18.54
C VAL A 54 -25.28 10.33 17.02
N ASP A 55 -25.93 9.41 16.34
CA ASP A 55 -25.62 9.13 14.93
C ASP A 55 -26.80 8.48 14.21
N GLY A 56 -27.89 8.28 14.94
CA GLY A 56 -29.11 7.68 14.40
C GLY A 56 -28.96 6.23 13.97
N SER A 57 -28.13 5.47 14.70
CA SER A 57 -27.89 4.08 14.35
C SER A 57 -28.87 3.10 14.99
N VAL A 58 -29.54 3.53 16.07
CA VAL A 58 -30.51 2.68 16.75
C VAL A 58 -31.93 3.17 16.52
N ASP A 59 -32.84 2.24 16.23
CA ASP A 59 -34.23 2.59 15.98
C ASP A 59 -34.98 2.80 17.28
N PHE A 60 -35.48 4.02 17.48
CA PHE A 60 -36.15 4.39 18.74
C PHE A 60 -37.67 4.28 18.66
N TYR A 61 -38.17 3.83 17.53
CA TYR A 61 -39.60 3.76 17.32
C TYR A 61 -40.18 2.46 17.92
N ARG A 62 -39.90 2.25 19.21
CA ARG A 62 -40.14 0.93 19.83
C ARG A 62 -41.36 0.85 20.70
N ASP A 63 -41.71 -0.37 21.08
CA ASP A 63 -42.94 -0.60 21.82
C ASP A 63 -42.75 -0.52 23.34
N TRP A 64 -43.84 -0.73 24.06
CA TRP A 64 -43.88 -0.59 25.51
C TRP A 64 -42.94 -1.54 26.22
N ALA A 65 -43.05 -2.83 25.92
CA ALA A 65 -42.24 -3.85 26.54
C ALA A 65 -40.76 -3.52 26.41
N THR A 66 -40.40 -2.93 25.27
CA THR A 66 -39.01 -2.59 24.98
C THR A 66 -38.53 -1.40 25.81
N TYR A 67 -39.32 -0.33 25.86
CA TYR A 67 -39.00 0.87 26.65
C TYR A 67 -39.00 0.58 28.15
N LYS A 68 -39.71 -0.47 28.52
CA LYS A 68 -39.83 -0.87 29.90
C LYS A 68 -38.46 -1.35 30.35
N GLN A 69 -37.90 -2.27 29.56
CA GLN A 69 -36.66 -2.92 29.93
C GLN A 69 -35.43 -2.19 29.38
N GLY A 70 -35.63 -1.35 28.38
CA GLY A 70 -34.51 -0.62 27.80
C GLY A 70 -33.97 -1.31 26.57
N PHE A 71 -33.28 -0.55 25.73
CA PHE A 71 -32.77 -1.07 24.46
C PHE A 71 -31.62 -0.20 24.01
N GLY A 72 -30.87 -0.69 23.03
CA GLY A 72 -29.72 0.06 22.53
C GLY A 72 -28.41 -0.65 22.77
N SER A 73 -27.34 0.12 22.67
CA SER A 73 -26.00 -0.40 22.77
C SER A 73 -25.18 0.53 23.66
N ARG A 74 -24.41 -0.03 24.58
CA ARG A 74 -23.53 0.77 25.41
C ARG A 74 -22.52 1.44 24.48
N LEU A 75 -22.34 0.85 23.30
CA LEU A 75 -21.41 1.36 22.31
C LEU A 75 -21.96 2.56 21.55
N GLY A 76 -23.27 2.82 21.68
CA GLY A 76 -23.86 3.93 20.95
C GLY A 76 -25.07 4.58 21.59
N GLU A 77 -26.21 4.44 20.94
CA GLU A 77 -27.46 5.03 21.38
C GLU A 77 -28.20 4.06 22.29
N PHE A 78 -29.05 4.58 23.16
CA PHE A 78 -29.75 3.70 24.08
C PHE A 78 -30.82 4.37 24.91
N TRP A 79 -31.75 3.55 25.39
CA TRP A 79 -32.67 3.96 26.42
C TRP A 79 -32.43 3.01 27.58
N LEU A 80 -32.12 3.57 28.75
CA LEU A 80 -31.79 2.77 29.92
C LEU A 80 -32.96 1.88 30.36
N GLY A 81 -34.16 2.22 29.92
CA GLY A 81 -35.31 1.41 30.25
C GLY A 81 -36.07 2.02 31.40
N ASN A 82 -37.40 1.95 31.34
CA ASN A 82 -38.22 2.70 32.27
C ASN A 82 -38.22 2.17 33.71
N ASP A 83 -38.16 0.85 33.87
CA ASP A 83 -38.05 0.28 35.21
C ASP A 83 -36.80 0.81 35.88
N ASN A 84 -35.67 0.64 35.20
CA ASN A 84 -34.41 1.19 35.70
C ASN A 84 -34.51 2.67 35.98
N ILE A 85 -35.09 3.43 35.06
CA ILE A 85 -35.12 4.87 35.20
C ILE A 85 -35.90 5.23 36.46
N HIS A 86 -36.97 4.48 36.73
CA HIS A 86 -37.76 4.68 37.94
C HIS A 86 -36.94 4.37 39.18
N ALA A 87 -36.41 3.15 39.23
CA ALA A 87 -35.55 2.75 40.33
C ALA A 87 -34.51 3.84 40.61
N LEU A 88 -34.01 4.45 39.54
CA LEU A 88 -32.90 5.39 39.64
C LEU A 88 -33.30 6.75 40.21
N THR A 89 -34.50 7.21 39.87
CA THR A 89 -34.93 8.57 40.20
C THR A 89 -35.88 8.61 41.40
N ALA A 90 -35.94 7.51 42.16
CA ALA A 90 -37.00 7.34 43.15
C ALA A 90 -36.68 7.79 44.58
N GLN A 91 -35.40 7.80 44.95
CA GLN A 91 -35.06 7.75 46.40
C GLN A 91 -34.33 8.92 47.04
N GLY A 92 -33.58 9.70 46.27
CA GLY A 92 -33.01 10.93 46.81
C GLY A 92 -33.85 12.06 46.26
N THR A 93 -33.22 12.88 45.43
CA THR A 93 -33.93 13.75 44.52
C THR A 93 -32.96 14.07 43.40
N SER A 94 -33.28 13.57 42.20
CA SER A 94 -32.40 13.75 41.07
C SER A 94 -32.79 14.98 40.28
N GLU A 95 -31.80 15.64 39.69
CA GLU A 95 -32.07 16.78 38.85
C GLU A 95 -31.71 16.43 37.42
N LEU A 96 -32.66 16.65 36.52
CA LEU A 96 -32.49 16.29 35.13
C LEU A 96 -31.78 17.37 34.35
N ARG A 97 -30.85 16.96 33.49
CA ARG A 97 -30.24 17.87 32.54
C ARG A 97 -30.35 17.25 31.16
N THR A 98 -30.69 18.07 30.17
CA THR A 98 -30.72 17.63 28.78
C THR A 98 -29.67 18.36 27.97
N ASP A 99 -28.95 17.64 27.11
CA ASP A 99 -27.94 18.25 26.29
C ASP A 99 -28.22 18.00 24.83
N LEU A 100 -28.25 19.07 24.05
CA LEU A 100 -28.57 18.99 22.63
C LEU A 100 -27.49 19.65 21.78
N VAL A 101 -27.12 18.98 20.70
CA VAL A 101 -26.15 19.54 19.76
C VAL A 101 -26.75 19.57 18.37
N ASP A 102 -26.73 20.75 17.75
CA ASP A 102 -27.15 20.89 16.37
C ASP A 102 -25.99 20.45 15.47
N PHE A 103 -26.22 20.49 14.15
CA PHE A 103 -25.20 20.03 13.23
C PHE A 103 -24.11 21.09 12.96
N GLU A 104 -24.15 22.17 13.71
CA GLU A 104 -23.08 23.17 13.69
C GLU A 104 -22.12 22.93 14.86
N ASP A 105 -22.60 22.22 15.87
CA ASP A 105 -21.86 21.95 17.10
C ASP A 105 -22.10 23.04 18.16
N ASN A 106 -23.14 23.83 17.93
CA ASN A 106 -23.64 24.73 18.96
C ASN A 106 -24.36 23.89 20.01
N TYR A 107 -23.82 23.87 21.22
CA TYR A 107 -24.48 23.22 22.35
C TYR A 107 -25.61 24.09 22.90
N GLN A 108 -26.69 23.44 23.30
CA GLN A 108 -27.73 24.10 24.07
C GLN A 108 -28.32 23.07 25.03
N PHE A 109 -28.86 23.55 26.15
CA PHE A 109 -29.29 22.63 27.21
C PHE A 109 -30.51 23.10 27.97
N ALA A 110 -30.97 22.26 28.87
CA ALA A 110 -32.04 22.62 29.79
C ALA A 110 -31.80 21.89 31.11
N LYS A 111 -31.91 22.63 32.21
CA LYS A 111 -31.69 22.04 33.52
C LYS A 111 -33.00 22.09 34.26
N TYR A 112 -33.29 21.06 35.04
CA TYR A 112 -34.53 21.04 35.82
C TYR A 112 -34.26 20.70 37.29
N ARG A 113 -35.01 21.34 38.17
CA ARG A 113 -34.85 21.17 39.62
C ARG A 113 -34.91 19.71 40.05
N SER A 114 -35.98 19.01 39.67
CA SER A 114 -36.16 17.64 40.06
C SER A 114 -36.68 16.80 38.90
N PHE A 115 -36.51 15.49 39.01
CA PHE A 115 -36.91 14.58 37.95
C PHE A 115 -37.24 13.20 38.50
N LYS A 116 -38.50 12.82 38.42
CA LYS A 116 -38.89 11.48 38.84
C LYS A 116 -39.76 10.80 37.79
N VAL A 117 -39.67 9.49 37.68
CA VAL A 117 -40.68 8.74 36.93
C VAL A 117 -41.34 7.64 37.76
N ALA A 118 -42.66 7.66 37.76
CA ALA A 118 -43.47 6.66 38.47
C ALA A 118 -43.18 5.26 37.95
N ASP A 119 -43.55 4.25 38.72
CA ASP A 119 -43.41 2.86 38.26
C ASP A 119 -44.40 2.56 37.12
N GLU A 120 -44.37 1.32 36.62
CA GLU A 120 -45.20 0.94 35.47
C GLU A 120 -46.69 1.05 35.73
N ALA A 121 -47.12 0.77 36.98
CA ALA A 121 -48.52 0.90 37.35
C ALA A 121 -48.97 2.37 37.20
N GLU A 122 -48.15 3.27 37.71
CA GLU A 122 -48.38 4.71 37.55
C GLU A 122 -48.09 5.16 36.11
N LYS A 123 -47.73 4.20 35.24
CA LYS A 123 -47.53 4.46 33.81
C LYS A 123 -46.26 5.27 33.52
N TYR A 124 -45.27 5.17 34.42
CA TYR A 124 -44.02 5.91 34.31
C TYR A 124 -44.30 7.40 34.20
N ASN A 125 -45.19 7.85 35.07
CA ASN A 125 -45.60 9.26 35.15
C ASN A 125 -44.45 10.22 35.42
N LEU A 126 -44.42 11.32 34.68
CA LEU A 126 -43.36 12.31 34.79
C LEU A 126 -43.63 13.30 35.91
N VAL A 127 -42.71 13.36 36.88
CA VAL A 127 -42.79 14.36 37.94
C VAL A 127 -41.62 15.32 37.81
N LEU A 128 -41.85 16.39 37.08
CA LEU A 128 -40.78 17.31 36.72
C LEU A 128 -40.76 18.53 37.62
N GLY A 129 -39.56 18.88 38.08
CA GLY A 129 -39.35 20.12 38.80
C GLY A 129 -39.51 21.30 37.88
N ALA A 130 -38.89 22.42 38.23
CA ALA A 130 -39.05 23.62 37.44
C ALA A 130 -37.79 23.94 36.66
N PHE A 131 -37.97 24.48 35.46
CA PHE A 131 -36.86 24.90 34.64
C PHE A 131 -35.90 25.78 35.45
N VAL A 132 -34.65 25.32 35.58
CA VAL A 132 -33.64 26.11 36.27
C VAL A 132 -33.02 27.12 35.31
N GLU A 133 -32.03 26.67 34.53
CA GLU A 133 -31.40 27.47 33.50
C GLU A 133 -31.42 26.67 32.20
N GLY A 134 -30.60 27.06 31.24
CA GLY A 134 -30.55 26.32 29.99
C GLY A 134 -30.84 27.13 28.74
N SER A 135 -29.85 27.21 27.85
CA SER A 135 -29.96 27.98 26.61
C SER A 135 -30.89 27.36 25.56
N ALA A 136 -31.58 26.27 25.90
CA ALA A 136 -32.48 25.64 24.94
C ALA A 136 -33.93 25.92 25.25
N GLY A 137 -34.18 26.57 26.40
CA GLY A 137 -35.53 26.91 26.81
C GLY A 137 -36.24 25.73 27.44
N ASP A 138 -37.37 25.99 28.08
CA ASP A 138 -38.12 24.93 28.70
C ASP A 138 -39.09 24.32 27.70
N SER A 139 -38.74 23.13 27.20
CA SER A 139 -39.64 22.39 26.31
C SER A 139 -40.04 21.06 26.93
N LEU A 140 -40.17 21.00 28.26
CA LEU A 140 -40.55 19.76 28.94
C LEU A 140 -41.55 19.89 30.09
N THR A 141 -41.57 21.02 30.81
CA THR A 141 -42.61 21.17 31.85
C THR A 141 -43.99 20.98 31.22
N PHE A 142 -44.10 21.30 29.94
CA PHE A 142 -45.34 21.13 29.19
C PHE A 142 -45.87 19.71 29.32
N HIS A 143 -44.99 18.77 29.64
CA HIS A 143 -45.33 17.34 29.71
C HIS A 143 -45.47 16.80 31.13
N ASN A 144 -45.59 17.70 32.11
CA ASN A 144 -45.74 17.30 33.49
C ASN A 144 -46.99 16.46 33.73
N ASN A 145 -46.95 15.59 34.75
CA ASN A 145 -48.11 14.81 35.18
C ASN A 145 -48.80 14.10 34.01
N GLN A 146 -47.99 13.54 33.11
CA GLN A 146 -48.51 12.97 31.88
C GLN A 146 -47.85 11.62 31.58
N SER A 147 -48.66 10.57 31.51
CA SER A 147 -48.14 9.21 31.32
C SER A 147 -47.31 9.03 30.05
N PHE A 148 -46.38 8.09 30.11
CA PHE A 148 -45.53 7.76 28.97
C PHE A 148 -46.32 6.93 27.95
N SER A 149 -46.19 7.30 26.68
CA SER A 149 -46.93 6.63 25.60
C SER A 149 -46.01 6.04 24.54
N THR A 150 -46.31 4.81 24.12
CA THR A 150 -45.58 4.15 23.06
C THR A 150 -46.53 3.67 21.97
N LYS A 151 -45.98 3.42 20.78
CA LYS A 151 -46.75 2.94 19.62
C LYS A 151 -47.84 1.93 19.99
N ASP A 152 -47.50 0.92 20.78
CA ASP A 152 -48.44 -0.12 21.20
C ASP A 152 -49.14 0.19 22.53
N GLN A 153 -49.15 1.46 22.93
CA GLN A 153 -49.87 1.90 24.12
C GLN A 153 -50.17 3.39 24.12
N ASP A 154 -51.40 3.72 23.75
CA ASP A 154 -51.84 5.10 23.65
C ASP A 154 -52.34 5.59 25.01
N ASN A 155 -51.62 6.55 25.60
CA ASN A 155 -52.01 7.15 26.87
C ASN A 155 -52.14 8.66 26.75
N ASP A 156 -51.80 9.19 25.59
CA ASP A 156 -51.74 10.63 25.36
C ASP A 156 -53.12 11.28 25.37
N LEU A 157 -53.16 12.53 25.83
CA LEU A 157 -54.38 13.33 25.83
C LEU A 157 -54.68 13.87 24.43
N ASN A 158 -54.88 12.96 23.47
CA ASN A 158 -55.17 13.33 22.09
C ASN A 158 -56.05 12.28 21.42
N THR A 159 -56.96 12.75 20.56
CA THR A 159 -57.90 11.88 19.87
C THR A 159 -57.21 10.86 18.94
N GLY A 160 -56.11 11.27 18.31
CA GLY A 160 -55.29 10.38 17.49
C GLY A 160 -54.11 9.79 18.24
N ASN A 161 -53.04 9.44 17.52
CA ASN A 161 -51.87 8.82 18.15
C ASN A 161 -50.58 9.64 18.00
N CYS A 162 -50.22 10.35 19.06
CA CYS A 162 -49.03 11.21 19.06
C CYS A 162 -47.76 10.43 18.77
N ALA A 163 -47.59 9.29 19.46
CA ALA A 163 -46.44 8.41 19.27
C ALA A 163 -46.24 8.07 17.79
N VAL A 164 -47.35 7.85 17.09
CA VAL A 164 -47.31 7.44 15.69
C VAL A 164 -47.24 8.62 14.71
N MET A 165 -47.88 9.74 15.07
CA MET A 165 -47.88 10.92 14.22
C MET A 165 -46.49 11.53 14.15
N PHE A 166 -45.74 11.40 15.24
CA PHE A 166 -44.42 12.02 15.33
C PHE A 166 -43.33 10.98 15.56
N GLN A 167 -43.71 9.72 15.35
CA GLN A 167 -42.77 8.59 15.31
C GLN A 167 -41.72 8.63 16.43
N GLY A 168 -42.20 8.43 17.66
CA GLY A 168 -41.32 8.44 18.83
C GLY A 168 -42.05 7.91 20.05
N ALA A 169 -41.46 8.10 21.21
CA ALA A 169 -42.09 7.76 22.48
C ALA A 169 -41.72 8.85 23.46
N TRP A 170 -42.68 9.22 24.32
CA TRP A 170 -42.56 10.39 25.17
C TRP A 170 -43.74 10.45 26.10
N TRP A 171 -43.74 11.42 27.02
CA TRP A 171 -44.91 11.67 27.86
C TRP A 171 -45.84 12.62 27.10
N TYR A 172 -46.38 12.12 25.99
CA TYR A 172 -47.10 12.94 25.03
C TYR A 172 -48.36 13.54 25.63
N LYS A 173 -48.88 14.59 24.98
CA LYS A 173 -50.07 15.28 25.45
C LYS A 173 -51.00 15.54 24.28
N ASN A 174 -50.83 16.69 23.63
CA ASN A 174 -51.62 17.04 22.47
C ASN A 174 -50.89 17.94 21.47
N CYS A 175 -49.66 17.58 21.12
CA CYS A 175 -49.02 16.36 21.59
C CYS A 175 -47.71 16.60 22.35
N HIS A 176 -46.82 17.37 21.74
CA HIS A 176 -45.54 17.64 22.38
C HIS A 176 -44.95 19.00 22.06
N THR A 177 -44.06 19.47 22.94
CA THR A 177 -43.17 20.57 22.63
C THR A 177 -41.74 20.05 22.59
N SER A 178 -41.55 18.81 23.05
CA SER A 178 -40.26 18.10 22.91
C SER A 178 -40.47 16.65 22.47
N ASN A 179 -39.51 16.11 21.71
CA ASN A 179 -39.67 14.78 21.11
C ASN A 179 -38.29 14.15 20.85
N LEU A 180 -37.56 13.92 21.94
CA LEU A 180 -36.16 13.52 21.85
C LEU A 180 -35.97 12.07 21.40
N ASN A 181 -37.05 11.29 21.51
CA ASN A 181 -37.01 9.90 21.05
C ASN A 181 -37.56 9.72 19.63
N GLY A 182 -37.57 10.81 18.87
CA GLY A 182 -38.11 10.79 17.52
C GLY A 182 -37.10 10.36 16.47
N ARG A 183 -37.51 10.46 15.21
CA ARG A 183 -36.66 10.07 14.09
C ARG A 183 -35.40 10.92 14.05
N TYR A 184 -34.30 10.28 13.67
CA TYR A 184 -33.02 10.96 13.52
C TYR A 184 -32.91 11.55 12.11
N LEU A 185 -33.43 12.76 11.93
CA LEU A 185 -33.65 13.30 10.59
C LEU A 185 -32.54 14.21 10.06
N ARG A 186 -31.52 14.46 10.87
CA ARG A 186 -30.32 15.18 10.41
C ARG A 186 -30.56 16.64 10.01
N GLY A 187 -30.77 17.51 10.99
CA GLY A 187 -30.90 18.95 10.72
C GLY A 187 -32.31 19.37 10.40
N THR A 188 -32.45 20.35 9.50
CA THR A 188 -33.78 20.85 9.14
C THR A 188 -34.48 19.80 8.27
N HIS A 189 -35.76 19.56 8.57
CA HIS A 189 -36.51 18.54 7.86
C HIS A 189 -37.90 19.02 7.49
N GLY A 190 -38.35 18.61 6.31
CA GLY A 190 -39.67 18.99 5.82
C GLY A 190 -40.79 18.46 6.70
N SER A 191 -40.74 17.16 7.00
CA SER A 191 -41.75 16.54 7.85
C SER A 191 -41.91 17.31 9.15
N PHE A 192 -43.10 17.23 9.74
CA PHE A 192 -43.44 18.09 10.86
C PHE A 192 -43.23 17.46 12.23
N ALA A 193 -42.41 18.12 13.05
CA ALA A 193 -42.21 17.79 14.47
C ALA A 193 -42.02 16.30 14.76
N ASN A 194 -41.31 15.61 13.88
CA ASN A 194 -41.15 14.16 14.01
C ASN A 194 -39.69 13.74 14.03
N GLY A 195 -38.80 14.72 14.16
CA GLY A 195 -37.40 14.43 14.36
C GLY A 195 -37.04 14.58 15.82
N ILE A 196 -35.75 14.70 16.08
CA ILE A 196 -35.27 14.91 17.45
C ILE A 196 -35.46 16.38 17.80
N ASN A 197 -36.66 16.72 18.24
CA ASN A 197 -37.09 18.13 18.29
C ASN A 197 -37.31 18.74 19.67
N TRP A 198 -36.72 19.91 19.84
CA TRP A 198 -36.88 20.71 21.03
C TRP A 198 -37.55 22.03 20.59
N LYS A 199 -38.84 22.15 20.86
CA LYS A 199 -39.64 23.30 20.43
C LYS A 199 -38.86 24.61 20.57
N SER A 200 -38.60 25.01 21.81
CA SER A 200 -37.90 26.26 22.09
C SER A 200 -36.43 26.24 21.66
N GLY A 201 -35.96 25.08 21.20
CA GLY A 201 -34.56 24.94 20.80
C GLY A 201 -34.29 25.36 19.36
N LYS A 202 -34.64 24.50 18.42
CA LYS A 202 -34.53 24.83 17.01
C LYS A 202 -35.83 24.53 16.27
N GLY A 203 -36.93 24.52 17.02
CA GLY A 203 -38.26 24.40 16.44
C GLY A 203 -38.65 23.00 16.06
N TYR A 204 -39.85 22.88 15.46
CA TYR A 204 -40.44 21.59 15.11
C TYR A 204 -39.89 21.01 13.82
N ASN A 205 -38.98 21.72 13.16
CA ASN A 205 -38.47 21.28 11.87
C ASN A 205 -36.97 21.07 11.83
N TYR A 206 -36.35 20.95 12.99
CA TYR A 206 -34.91 20.69 13.05
C TYR A 206 -34.62 19.55 14.00
N SER A 207 -33.86 18.57 13.52
CA SER A 207 -33.50 17.40 14.30
C SER A 207 -32.02 17.51 14.69
N TYR A 208 -31.75 17.61 15.99
CA TYR A 208 -30.37 17.74 16.50
C TYR A 208 -29.48 16.56 16.14
N LYS A 209 -28.17 16.77 16.17
CA LYS A 209 -27.21 15.71 15.94
C LYS A 209 -27.03 14.84 17.18
N VAL A 210 -27.15 15.48 18.35
CA VAL A 210 -26.86 14.82 19.62
C VAL A 210 -27.91 15.16 20.66
N SER A 211 -28.35 14.14 21.39
CA SER A 211 -29.30 14.33 22.48
C SER A 211 -28.88 13.44 23.63
N GLU A 212 -28.80 14.02 24.83
CA GLU A 212 -28.47 13.26 26.03
C GLU A 212 -29.31 13.75 27.19
N MET A 213 -29.98 12.83 27.86
CA MET A 213 -30.78 13.17 29.03
C MET A 213 -30.17 12.45 30.21
N LYS A 214 -29.76 13.19 31.23
CA LYS A 214 -29.01 12.59 32.35
C LYS A 214 -29.48 13.07 33.73
N VAL A 215 -29.19 12.28 34.77
CA VAL A 215 -29.56 12.67 36.13
C VAL A 215 -28.38 12.73 37.11
N ARG A 216 -28.60 13.39 38.24
CA ARG A 216 -27.60 13.58 39.30
C ARG A 216 -28.26 14.09 40.56
N PRO A 217 -28.06 13.38 41.69
CA PRO A 217 -28.64 13.84 42.95
C PRO A 217 -28.33 15.30 43.16
N ALA A 218 -29.34 16.10 43.42
CA ALA A 218 -29.13 17.53 43.70
C ALA A 218 -28.75 17.73 45.18
N ASN B 1 -15.73 -20.88 42.07
CA ASN B 1 -16.95 -21.51 41.51
C ASN B 1 -17.61 -20.70 40.37
N PRO B 2 -16.95 -19.61 39.94
CA PRO B 2 -17.58 -18.76 38.91
C PRO B 2 -17.83 -19.45 37.58
N CYS B 3 -16.98 -20.41 37.18
CA CYS B 3 -17.25 -21.19 35.99
C CYS B 3 -18.63 -21.82 36.11
N LEU B 4 -18.99 -22.20 37.33
CA LEU B 4 -20.23 -22.93 37.54
C LEU B 4 -21.45 -22.02 37.69
N THR B 5 -21.26 -20.85 38.27
CA THR B 5 -22.37 -19.94 38.54
C THR B 5 -22.49 -18.75 37.57
N GLY B 6 -21.72 -18.77 36.49
CA GLY B 6 -21.78 -17.67 35.52
C GLY B 6 -22.56 -18.04 34.29
N PRO B 7 -22.77 -17.08 33.37
CA PRO B 7 -23.48 -17.31 32.11
C PRO B 7 -22.59 -17.98 31.07
N ARG B 8 -23.21 -18.77 30.19
CA ARG B 8 -22.46 -19.47 29.15
C ARG B 8 -22.54 -18.74 27.82
N THR B 9 -23.55 -17.91 27.63
CA THR B 9 -23.74 -17.23 26.35
C THR B 9 -24.34 -15.85 26.51
N CYS B 10 -24.48 -15.13 25.39
CA CYS B 10 -25.18 -13.84 25.37
C CYS B 10 -26.68 -14.01 25.52
N LYS B 11 -27.20 -15.16 25.08
CA LYS B 11 -28.57 -15.58 25.39
C LYS B 11 -28.80 -15.69 26.90
N ASP B 12 -27.92 -16.40 27.61
CA ASP B 12 -28.06 -16.51 29.07
C ASP B 12 -28.19 -15.12 29.70
N LEU B 13 -27.34 -14.19 29.27
CA LEU B 13 -27.32 -12.84 29.87
C LEU B 13 -28.60 -12.07 29.60
N LEU B 14 -29.15 -12.23 28.40
CA LEU B 14 -30.44 -11.62 28.09
C LEU B 14 -31.50 -12.17 29.01
N ASP B 15 -31.47 -13.49 29.24
CA ASP B 15 -32.41 -14.14 30.12
C ASP B 15 -32.29 -13.54 31.52
N ARG B 16 -31.06 -13.30 31.97
CA ARG B 16 -30.84 -12.78 33.32
C ARG B 16 -31.08 -11.28 33.44
N GLY B 17 -31.60 -10.67 32.38
CA GLY B 17 -31.97 -9.27 32.43
C GLY B 17 -30.91 -8.22 32.12
N HIS B 18 -30.03 -8.51 31.16
CA HIS B 18 -29.19 -7.48 30.57
C HIS B 18 -29.74 -7.14 29.19
N PHE B 19 -30.35 -5.97 29.05
CA PHE B 19 -31.02 -5.60 27.79
C PHE B 19 -30.23 -4.65 26.88
N LEU B 20 -29.06 -4.23 27.35
CA LEU B 20 -28.23 -3.35 26.56
C LEU B 20 -27.09 -4.13 25.94
N SER B 21 -26.78 -3.83 24.68
CA SER B 21 -25.62 -4.41 24.01
C SER B 21 -24.33 -3.92 24.66
N GLY B 22 -23.29 -4.73 24.59
CA GLY B 22 -22.01 -4.34 25.13
C GLY B 22 -21.22 -5.58 25.44
N TRP B 23 -20.05 -5.37 26.04
CA TRP B 23 -19.17 -6.48 26.33
C TRP B 23 -19.50 -7.07 27.70
N HIS B 24 -19.80 -8.37 27.69
CA HIS B 24 -20.06 -9.11 28.91
C HIS B 24 -19.09 -10.28 28.92
N THR B 25 -18.63 -10.67 30.10
CA THR B 25 -17.82 -11.88 30.17
C THR B 25 -18.62 -13.17 30.43
N ILE B 26 -18.44 -14.14 29.55
CA ILE B 26 -19.14 -15.41 29.62
C ILE B 26 -18.13 -16.53 29.89
N TYR B 27 -18.63 -17.68 30.31
CA TYR B 27 -17.76 -18.82 30.54
C TYR B 27 -17.88 -19.91 29.49
N LEU B 28 -16.77 -20.19 28.83
CA LEU B 28 -16.75 -21.20 27.79
C LEU B 28 -16.91 -22.61 28.36
N PRO B 29 -17.25 -23.59 27.50
CA PRO B 29 -17.31 -25.01 27.88
C PRO B 29 -16.10 -25.48 28.72
N ASP B 30 -14.88 -25.11 28.34
CA ASP B 30 -13.71 -25.48 29.14
C ASP B 30 -13.55 -24.65 30.41
N CYS B 31 -14.60 -23.92 30.79
CA CYS B 31 -14.62 -23.15 32.04
C CYS B 31 -13.89 -21.82 31.94
N ARG B 32 -13.26 -21.58 30.79
CA ARG B 32 -12.45 -20.39 30.59
C ARG B 32 -13.33 -19.16 30.36
N PRO B 33 -13.08 -18.10 31.12
CA PRO B 33 -13.81 -16.85 30.92
C PRO B 33 -13.35 -16.07 29.68
N LEU B 34 -14.29 -15.36 29.05
CA LEU B 34 -14.03 -14.63 27.81
C LEU B 34 -15.00 -13.48 27.68
N THR B 35 -14.47 -12.29 27.37
CA THR B 35 -15.32 -11.09 27.21
C THR B 35 -15.75 -10.89 25.75
N VAL B 36 -17.05 -11.05 25.49
CA VAL B 36 -17.58 -10.96 24.15
C VAL B 36 -18.56 -9.81 24.06
N LEU B 37 -18.83 -9.38 22.83
CA LEU B 37 -19.85 -8.40 22.58
C LEU B 37 -21.19 -9.08 22.42
N CYS B 38 -22.17 -8.68 23.24
CA CYS B 38 -23.53 -9.16 23.06
C CYS B 38 -24.39 -8.11 22.36
N ASP B 39 -24.94 -8.47 21.20
CA ASP B 39 -25.93 -7.65 20.54
C ASP B 39 -27.31 -8.04 21.09
N MET B 40 -27.88 -7.16 21.90
CA MET B 40 -29.16 -7.45 22.56
C MET B 40 -30.33 -6.79 21.85
N ASP B 41 -30.04 -6.20 20.70
CA ASP B 41 -30.98 -5.31 20.05
C ASP B 41 -31.60 -5.95 18.82
N THR B 42 -30.81 -6.69 18.05
CA THR B 42 -31.25 -7.14 16.73
C THR B 42 -32.04 -8.43 16.80
N ASP B 43 -33.09 -8.52 16.00
CA ASP B 43 -33.80 -9.78 15.79
C ASP B 43 -33.81 -10.63 17.06
N GLY B 44 -34.43 -10.10 18.12
CA GLY B 44 -34.62 -10.86 19.35
C GLY B 44 -33.66 -10.60 20.48
N GLY B 45 -32.39 -10.43 20.16
CA GLY B 45 -31.37 -10.25 21.20
C GLY B 45 -30.66 -11.56 21.56
N GLY B 46 -29.58 -11.47 22.32
CA GLY B 46 -28.87 -12.66 22.78
C GLY B 46 -27.84 -13.22 21.82
N TRP B 47 -27.40 -12.39 20.88
CA TRP B 47 -26.37 -12.76 19.93
C TRP B 47 -24.97 -12.51 20.50
N THR B 48 -24.06 -13.44 20.27
CA THR B 48 -22.65 -13.23 20.54
C THR B 48 -21.97 -12.85 19.23
N VAL B 49 -21.47 -11.62 19.17
CA VAL B 49 -20.86 -11.08 17.95
C VAL B 49 -19.40 -11.52 17.89
N PHE B 50 -18.95 -12.02 16.73
CA PHE B 50 -17.58 -12.52 16.59
C PHE B 50 -16.74 -11.79 15.52
N GLN B 51 -17.40 -10.94 14.73
CA GLN B 51 -16.70 -10.05 13.81
C GLN B 51 -17.43 -8.73 13.71
N ARG B 52 -16.70 -7.64 13.51
CA ARG B 52 -17.33 -6.33 13.37
C ARG B 52 -16.42 -5.38 12.58
N ARG B 53 -16.92 -4.90 11.44
CA ARG B 53 -16.30 -3.78 10.69
C ARG B 53 -17.21 -2.57 10.80
N VAL B 54 -16.64 -1.37 10.77
CA VAL B 54 -17.47 -0.19 10.98
C VAL B 54 -16.89 1.11 10.45
N ASP B 55 -15.57 1.26 10.50
CA ASP B 55 -14.95 2.52 10.10
C ASP B 55 -13.60 2.34 9.41
N GLY B 56 -13.15 1.10 9.28
CA GLY B 56 -11.87 0.81 8.65
C GLY B 56 -10.67 1.21 9.48
N SER B 57 -10.82 1.22 10.79
CA SER B 57 -9.70 1.60 11.66
C SER B 57 -8.73 0.43 11.87
N VAL B 58 -9.25 -0.79 11.95
CA VAL B 58 -8.40 -1.95 12.14
C VAL B 58 -8.07 -2.62 10.82
N ASP B 59 -6.82 -3.02 10.67
CA ASP B 59 -6.36 -3.71 9.47
C ASP B 59 -6.66 -5.20 9.59
N PHE B 60 -7.40 -5.76 8.63
CA PHE B 60 -7.89 -7.14 8.72
C PHE B 60 -7.11 -8.10 7.84
N TYR B 61 -6.00 -7.64 7.29
CA TYR B 61 -5.17 -8.47 6.42
C TYR B 61 -4.09 -9.16 7.25
N ARG B 62 -4.49 -10.10 8.11
CA ARG B 62 -3.55 -10.69 9.06
C ARG B 62 -3.25 -12.16 8.79
N ASP B 63 -2.15 -12.63 9.38
CA ASP B 63 -1.71 -14.00 9.20
C ASP B 63 -2.59 -14.95 10.00
N TRP B 64 -2.20 -16.23 9.99
CA TRP B 64 -2.96 -17.32 10.59
C TRP B 64 -2.98 -17.23 12.11
N ALA B 65 -1.81 -17.00 12.69
CA ALA B 65 -1.67 -16.93 14.13
C ALA B 65 -2.61 -15.91 14.75
N THR B 66 -2.78 -14.79 14.06
CA THR B 66 -3.56 -13.68 14.59
C THR B 66 -5.06 -13.95 14.49
N TYR B 67 -5.48 -14.47 13.35
CA TYR B 67 -6.87 -14.88 13.22
C TYR B 67 -7.20 -15.96 14.23
N LYS B 68 -6.21 -16.80 14.50
CA LYS B 68 -6.37 -17.85 15.50
C LYS B 68 -6.73 -17.28 16.87
N GLN B 69 -5.96 -16.31 17.33
CA GLN B 69 -6.09 -15.85 18.71
C GLN B 69 -7.06 -14.70 18.90
N GLY B 70 -7.45 -14.05 17.81
CA GLY B 70 -8.26 -12.84 17.90
C GLY B 70 -7.40 -11.59 17.86
N PHE B 71 -8.00 -10.48 17.44
CA PHE B 71 -7.29 -9.22 17.30
C PHE B 71 -8.29 -8.10 17.10
N GLY B 72 -7.88 -6.86 17.38
CA GLY B 72 -8.79 -5.73 17.23
C GLY B 72 -9.10 -5.01 18.52
N SER B 73 -10.29 -4.45 18.63
CA SER B 73 -10.58 -3.55 19.72
C SER B 73 -12.06 -3.59 20.09
N ARG B 74 -12.34 -3.80 21.37
CA ARG B 74 -13.69 -3.72 21.89
C ARG B 74 -14.31 -2.37 21.56
N LEU B 75 -13.43 -1.38 21.36
CA LEU B 75 -13.82 -0.02 21.05
C LEU B 75 -14.29 0.14 19.62
N GLY B 76 -13.95 -0.79 18.76
CA GLY B 76 -14.30 -0.65 17.35
C GLY B 76 -14.41 -1.94 16.57
N GLU B 77 -13.42 -2.18 15.71
CA GLU B 77 -13.44 -3.33 14.82
C GLU B 77 -12.68 -4.47 15.45
N PHE B 78 -13.00 -5.72 15.06
CA PHE B 78 -12.39 -6.86 15.73
C PHE B 78 -12.82 -8.22 15.18
N TRP B 79 -11.99 -9.22 15.47
CA TRP B 79 -12.30 -10.61 15.19
C TRP B 79 -12.01 -11.41 16.46
N LEU B 80 -13.01 -12.15 16.92
CA LEU B 80 -12.97 -12.75 18.25
C LEU B 80 -11.87 -13.78 18.36
N GLY B 81 -11.51 -14.38 17.24
CA GLY B 81 -10.46 -15.40 17.22
C GLY B 81 -11.02 -16.76 16.90
N ASN B 82 -10.31 -17.52 16.08
CA ASN B 82 -10.82 -18.81 15.63
C ASN B 82 -11.01 -19.85 16.74
N ASP B 83 -10.08 -19.96 17.68
CA ASP B 83 -10.25 -20.85 18.81
C ASP B 83 -11.50 -20.55 19.64
N ASN B 84 -11.69 -19.26 19.95
CA ASN B 84 -12.90 -18.82 20.64
C ASN B 84 -14.16 -19.10 19.82
N ILE B 85 -14.13 -18.78 18.52
CA ILE B 85 -15.33 -18.99 17.71
C ILE B 85 -15.69 -20.45 17.70
N HIS B 86 -14.67 -21.30 17.61
CA HIS B 86 -14.89 -22.74 17.69
C HIS B 86 -15.45 -23.19 19.03
N ALA B 87 -14.86 -22.71 20.12
CA ALA B 87 -15.33 -23.08 21.47
C ALA B 87 -16.75 -22.60 21.72
N LEU B 88 -17.11 -21.51 21.05
CA LEU B 88 -18.45 -20.98 21.16
C LEU B 88 -19.42 -21.96 20.53
N THR B 89 -19.12 -22.39 19.32
CA THR B 89 -20.07 -23.14 18.51
C THR B 89 -19.88 -24.65 18.52
N ALA B 90 -19.08 -25.17 19.44
CA ALA B 90 -18.78 -26.60 19.45
C ALA B 90 -19.93 -27.41 20.06
N GLN B 91 -19.99 -27.50 21.38
CA GLN B 91 -21.08 -28.22 22.00
C GLN B 91 -22.39 -27.44 21.92
N GLY B 92 -23.22 -27.76 20.94
CA GLY B 92 -24.55 -27.15 20.83
C GLY B 92 -24.96 -26.80 19.40
N THR B 93 -26.13 -26.18 19.25
CA THR B 93 -26.59 -25.68 17.96
C THR B 93 -26.83 -24.17 18.02
N SER B 94 -26.10 -23.43 17.19
CA SER B 94 -26.16 -21.99 17.20
C SER B 94 -26.53 -21.53 15.80
N GLU B 95 -27.41 -20.54 15.71
CA GLU B 95 -27.73 -19.95 14.41
C GLU B 95 -26.81 -18.76 14.18
N LEU B 96 -26.58 -18.42 12.92
CA LEU B 96 -25.74 -17.29 12.57
C LEU B 96 -26.51 -16.23 11.81
N ARG B 97 -26.29 -14.97 12.18
CA ARG B 97 -26.87 -13.85 11.46
C ARG B 97 -25.76 -12.93 10.96
N THR B 98 -25.96 -12.35 9.78
CA THR B 98 -25.00 -11.39 9.22
C THR B 98 -25.68 -10.05 9.02
N ASP B 99 -25.16 -9.00 9.65
CA ASP B 99 -25.72 -7.67 9.46
C ASP B 99 -24.82 -6.77 8.64
N LEU B 100 -25.41 -6.08 7.67
CA LEU B 100 -24.66 -5.25 6.73
C LEU B 100 -25.26 -3.85 6.58
N VAL B 101 -24.40 -2.85 6.40
CA VAL B 101 -24.87 -1.50 6.15
C VAL B 101 -24.01 -0.82 5.08
N ASP B 102 -24.66 -0.24 4.07
CA ASP B 102 -23.94 0.53 3.04
C ASP B 102 -23.83 2.02 3.38
N PHE B 103 -23.25 2.80 2.48
CA PHE B 103 -22.99 4.21 2.78
C PHE B 103 -24.19 5.12 2.51
N GLU B 104 -25.33 4.52 2.19
CA GLU B 104 -26.60 5.24 2.10
C GLU B 104 -27.55 4.68 3.13
N ASP B 105 -26.97 4.21 4.23
CA ASP B 105 -27.71 3.64 5.36
C ASP B 105 -28.83 2.65 5.01
N ASN B 106 -28.61 1.82 4.00
CA ASN B 106 -29.43 0.64 3.79
C ASN B 106 -28.97 -0.46 4.72
N TYR B 107 -29.92 -1.10 5.39
CA TYR B 107 -29.62 -2.26 6.22
C TYR B 107 -30.05 -3.52 5.47
N GLN B 108 -29.18 -4.53 5.43
CA GLN B 108 -29.56 -5.83 4.94
C GLN B 108 -29.08 -6.87 5.94
N PHE B 109 -29.50 -8.11 5.77
CA PHE B 109 -29.01 -9.18 6.62
C PHE B 109 -29.12 -10.53 5.94
N ALA B 110 -28.52 -11.56 6.54
CA ALA B 110 -28.70 -12.95 6.11
C ALA B 110 -28.58 -13.85 7.32
N LYS B 111 -29.44 -14.87 7.40
CA LYS B 111 -29.49 -15.74 8.57
C LYS B 111 -29.39 -17.20 8.18
N TYR B 112 -28.91 -18.03 9.11
CA TYR B 112 -28.56 -19.42 8.79
C TYR B 112 -28.94 -20.41 9.88
N ARG B 113 -29.52 -21.54 9.47
CA ARG B 113 -30.10 -22.51 10.41
C ARG B 113 -29.09 -22.90 11.49
N SER B 114 -27.86 -23.16 11.07
CA SER B 114 -26.77 -23.42 12.01
C SER B 114 -25.41 -22.95 11.49
N PHE B 115 -24.43 -22.94 12.37
CA PHE B 115 -23.11 -22.43 12.09
C PHE B 115 -22.14 -23.06 13.07
N LYS B 116 -21.17 -23.80 12.55
CA LYS B 116 -20.15 -24.39 13.41
C LYS B 116 -18.82 -24.29 12.73
N VAL B 117 -17.78 -24.01 13.51
CA VAL B 117 -16.44 -24.13 12.99
C VAL B 117 -15.65 -25.11 13.82
N ALA B 118 -14.91 -25.99 13.13
CA ALA B 118 -14.15 -27.04 13.78
C ALA B 118 -12.94 -26.46 14.50
N ASP B 119 -12.14 -27.30 15.15
CA ASP B 119 -10.93 -26.81 15.80
C ASP B 119 -9.81 -26.58 14.79
N GLU B 120 -8.64 -26.19 15.28
CA GLU B 120 -7.54 -25.82 14.39
C GLU B 120 -7.04 -27.00 13.57
N ALA B 121 -7.00 -28.18 14.20
CA ALA B 121 -6.59 -29.41 13.54
C ALA B 121 -7.39 -29.66 12.27
N GLU B 122 -8.65 -29.24 12.29
CA GLU B 122 -9.53 -29.35 11.14
C GLU B 122 -9.57 -28.06 10.34
N LYS B 123 -8.57 -27.22 10.58
CA LYS B 123 -8.43 -25.92 9.89
C LYS B 123 -9.69 -25.04 9.96
N TYR B 124 -10.35 -25.03 11.12
CA TYR B 124 -11.57 -24.24 11.33
C TYR B 124 -12.58 -24.39 10.21
N ASN B 125 -12.74 -25.63 9.75
CA ASN B 125 -13.72 -25.97 8.74
C ASN B 125 -15.07 -25.39 9.13
N LEU B 126 -15.76 -24.83 8.17
CA LEU B 126 -17.06 -24.24 8.39
C LEU B 126 -18.11 -25.32 8.16
N VAL B 127 -19.11 -25.38 9.05
CA VAL B 127 -20.21 -26.29 8.82
C VAL B 127 -21.47 -25.45 8.87
N LEU B 128 -22.00 -25.15 7.68
CA LEU B 128 -23.08 -24.19 7.60
C LEU B 128 -24.42 -24.84 7.28
N GLY B 129 -25.38 -24.64 8.18
CA GLY B 129 -26.74 -25.10 7.94
C GLY B 129 -27.41 -24.32 6.83
N ALA B 130 -28.69 -24.61 6.60
CA ALA B 130 -29.45 -23.99 5.51
C ALA B 130 -29.69 -22.49 5.69
N PHE B 131 -29.83 -21.81 4.55
CA PHE B 131 -30.15 -20.40 4.54
C PHE B 131 -31.59 -20.23 4.98
N VAL B 132 -31.79 -19.50 6.07
CA VAL B 132 -33.14 -19.20 6.54
C VAL B 132 -33.80 -18.08 5.73
N GLU B 133 -33.20 -16.89 5.73
CA GLU B 133 -33.80 -15.71 5.09
C GLU B 133 -32.85 -14.51 5.16
N GLY B 134 -33.09 -13.51 4.32
CA GLY B 134 -32.35 -12.26 4.41
C GLY B 134 -32.32 -11.38 3.18
N SER B 135 -32.54 -10.09 3.39
CA SER B 135 -32.53 -9.13 2.30
C SER B 135 -31.17 -9.07 1.63
N ALA B 136 -30.15 -9.64 2.27
CA ALA B 136 -28.80 -9.62 1.70
C ALA B 136 -28.61 -10.73 0.69
N GLY B 137 -29.48 -11.73 0.74
CA GLY B 137 -29.36 -12.86 -0.15
C GLY B 137 -28.23 -13.75 0.34
N ASP B 138 -28.14 -14.95 -0.23
CA ASP B 138 -27.19 -15.94 0.24
C ASP B 138 -25.85 -15.78 -0.44
N SER B 139 -24.80 -15.58 0.33
CA SER B 139 -23.47 -15.50 -0.22
C SER B 139 -22.53 -16.17 0.75
N LEU B 140 -22.96 -17.30 1.31
CA LEU B 140 -22.17 -18.02 2.30
C LEU B 140 -22.28 -19.55 2.13
N THR B 141 -23.41 -20.00 1.59
CA THR B 141 -23.63 -21.42 1.36
C THR B 141 -22.57 -21.96 0.41
N PHE B 142 -22.16 -21.09 -0.50
CA PHE B 142 -21.08 -21.36 -1.42
C PHE B 142 -19.82 -21.76 -0.66
N HIS B 143 -19.64 -21.24 0.55
CA HIS B 143 -18.41 -21.44 1.29
C HIS B 143 -18.52 -22.55 2.32
N ASN B 144 -19.62 -23.29 2.27
CA ASN B 144 -19.84 -24.39 3.21
C ASN B 144 -18.81 -25.52 3.11
N ASN B 145 -18.47 -26.11 4.25
CA ASN B 145 -17.49 -27.20 4.29
C ASN B 145 -16.14 -26.86 3.64
N GLN B 146 -15.62 -25.67 3.95
CA GLN B 146 -14.31 -25.24 3.49
C GLN B 146 -13.43 -24.84 4.64
N SER B 147 -12.12 -24.86 4.43
CA SER B 147 -11.20 -24.51 5.49
C SER B 147 -11.05 -23.01 5.53
N PHE B 148 -10.58 -22.49 6.65
CA PHE B 148 -10.31 -21.09 6.76
C PHE B 148 -8.91 -20.87 6.21
N SER B 149 -8.74 -19.84 5.38
CA SER B 149 -7.43 -19.52 4.83
C SER B 149 -7.00 -18.10 5.13
N THR B 150 -5.71 -17.92 5.39
CA THR B 150 -5.13 -16.60 5.59
C THR B 150 -4.07 -16.37 4.52
N LYS B 151 -3.53 -15.16 4.47
CA LYS B 151 -2.48 -14.87 3.50
C LYS B 151 -1.30 -15.84 3.66
N ASP B 152 -0.90 -16.11 4.90
CA ASP B 152 0.29 -16.92 5.16
C ASP B 152 -0.02 -18.40 5.33
N GLN B 153 -1.29 -18.77 5.14
CA GLN B 153 -1.68 -20.18 5.15
C GLN B 153 -2.88 -20.51 4.25
N ASP B 154 -2.59 -21.13 3.10
CA ASP B 154 -3.56 -21.31 2.03
C ASP B 154 -4.23 -22.68 2.06
N ASN B 155 -5.54 -22.69 2.30
CA ASN B 155 -6.32 -23.92 2.34
C ASN B 155 -7.52 -23.89 1.42
N ASP B 156 -7.50 -23.03 0.41
CA ASP B 156 -8.65 -22.94 -0.48
C ASP B 156 -8.58 -23.98 -1.58
N LEU B 157 -9.45 -23.84 -2.57
CA LEU B 157 -9.46 -24.75 -3.70
C LEU B 157 -9.11 -23.99 -4.96
N ASN B 158 -8.36 -22.90 -4.81
CA ASN B 158 -7.88 -22.14 -5.96
C ASN B 158 -6.41 -22.47 -6.14
N THR B 159 -6.00 -22.61 -7.40
CA THR B 159 -4.60 -22.81 -7.72
C THR B 159 -3.77 -21.68 -7.13
N GLY B 160 -4.36 -20.50 -6.95
CA GLY B 160 -3.63 -19.41 -6.33
C GLY B 160 -3.99 -19.25 -4.85
N ASN B 161 -3.74 -18.05 -4.33
CA ASN B 161 -4.05 -17.74 -2.94
C ASN B 161 -5.16 -16.70 -2.89
N CYS B 162 -6.38 -17.16 -2.61
CA CYS B 162 -7.53 -16.28 -2.53
C CYS B 162 -7.31 -15.14 -1.57
N ALA B 163 -6.82 -15.45 -0.38
CA ALA B 163 -6.64 -14.44 0.66
C ALA B 163 -5.76 -13.29 0.19
N VAL B 164 -4.71 -13.62 -0.56
CA VAL B 164 -3.82 -12.60 -1.11
C VAL B 164 -4.52 -11.90 -2.25
N MET B 165 -5.17 -12.68 -3.10
CA MET B 165 -5.87 -12.13 -4.26
C MET B 165 -6.98 -11.18 -3.93
N PHE B 166 -7.72 -11.46 -2.87
CA PHE B 166 -8.86 -10.63 -2.54
C PHE B 166 -8.66 -9.94 -1.19
N GLN B 167 -7.42 -9.97 -0.74
CA GLN B 167 -6.96 -9.21 0.42
C GLN B 167 -7.86 -9.33 1.64
N GLY B 168 -8.09 -10.56 2.06
CA GLY B 168 -8.90 -10.85 3.24
C GLY B 168 -8.53 -12.17 3.92
N ALA B 169 -9.52 -12.78 4.56
CA ALA B 169 -9.36 -14.04 5.27
C ALA B 169 -10.76 -14.64 5.40
N TRP B 170 -10.90 -15.92 5.09
CA TRP B 170 -12.23 -16.46 4.92
C TRP B 170 -12.17 -17.97 4.74
N TRP B 171 -13.34 -18.59 4.69
CA TRP B 171 -13.45 -19.97 4.27
C TRP B 171 -13.53 -19.98 2.74
N TYR B 172 -12.46 -19.49 2.10
CA TYR B 172 -12.38 -19.38 0.64
C TYR B 172 -12.46 -20.72 -0.06
N LYS B 173 -13.22 -20.74 -1.15
CA LYS B 173 -13.31 -21.91 -1.99
C LYS B 173 -12.54 -21.60 -3.27
N ASN B 174 -13.19 -21.02 -4.28
CA ASN B 174 -12.51 -20.81 -5.54
C ASN B 174 -12.98 -19.62 -6.39
N CYS B 175 -12.97 -18.39 -5.85
CA CYS B 175 -12.48 -18.09 -4.52
C CYS B 175 -13.59 -17.71 -3.57
N HIS B 176 -14.26 -16.61 -3.87
CA HIS B 176 -15.29 -16.17 -2.95
C HIS B 176 -16.50 -15.55 -3.57
N THR B 177 -17.47 -15.32 -2.71
CA THR B 177 -18.75 -14.77 -3.07
C THR B 177 -19.19 -13.89 -1.91
N SER B 178 -18.49 -14.06 -0.78
CA SER B 178 -18.51 -13.11 0.32
C SER B 178 -17.08 -12.93 0.86
N ASN B 179 -16.77 -11.74 1.36
CA ASN B 179 -15.41 -11.40 1.72
C ASN B 179 -15.42 -10.36 2.82
N LEU B 180 -16.08 -10.70 3.92
CA LEU B 180 -16.30 -9.72 4.97
C LEU B 180 -15.04 -9.28 5.70
N ASN B 181 -13.92 -9.96 5.43
CA ASN B 181 -12.65 -9.57 6.03
C ASN B 181 -11.72 -8.88 5.03
N GLY B 182 -12.30 -8.43 3.90
CA GLY B 182 -11.57 -7.68 2.86
C GLY B 182 -11.24 -6.24 3.23
N ARG B 183 -10.63 -5.51 2.32
CA ARG B 183 -10.19 -4.15 2.64
C ARG B 183 -11.35 -3.18 2.81
N TYR B 184 -11.20 -2.19 3.69
CA TYR B 184 -12.25 -1.21 3.94
C TYR B 184 -12.26 -0.12 2.87
N LEU B 185 -12.86 -0.43 1.71
CA LEU B 185 -12.70 0.39 0.52
C LEU B 185 -13.70 1.54 0.34
N ARG B 186 -14.70 1.63 1.20
CA ARG B 186 -15.60 2.77 1.20
C ARG B 186 -16.47 2.91 -0.07
N GLY B 187 -17.54 2.13 -0.12
CA GLY B 187 -18.50 2.22 -1.20
C GLY B 187 -17.95 1.60 -2.46
N THR B 188 -18.44 2.06 -3.61
CA THR B 188 -18.00 1.49 -4.87
C THR B 188 -16.49 1.62 -4.99
N HIS B 189 -15.84 0.53 -5.39
CA HIS B 189 -14.40 0.54 -5.68
C HIS B 189 -14.11 0.05 -7.09
N GLY B 190 -12.98 0.49 -7.63
CA GLY B 190 -12.54 0.05 -8.95
C GLY B 190 -11.83 -1.28 -8.91
N SER B 191 -11.14 -1.57 -7.81
CA SER B 191 -10.49 -2.86 -7.63
C SER B 191 -11.52 -3.99 -7.56
N PHE B 192 -11.12 -5.18 -8.01
CA PHE B 192 -12.04 -6.31 -8.09
C PHE B 192 -12.19 -7.13 -6.81
N ALA B 193 -13.41 -7.12 -6.27
CA ALA B 193 -13.84 -8.06 -5.22
C ALA B 193 -12.87 -8.19 -4.06
N ASN B 194 -12.13 -7.13 -3.78
CA ASN B 194 -11.22 -7.16 -2.65
C ASN B 194 -11.69 -6.22 -1.55
N GLY B 195 -12.98 -5.91 -1.56
CA GLY B 195 -13.55 -5.04 -0.54
C GLY B 195 -14.29 -5.88 0.47
N ILE B 196 -15.07 -5.23 1.34
CA ILE B 196 -15.97 -5.96 2.22
C ILE B 196 -17.22 -6.28 1.42
N ASN B 197 -17.16 -7.37 0.67
CA ASN B 197 -18.16 -7.64 -0.33
C ASN B 197 -19.07 -8.81 0.01
N TRP B 198 -20.36 -8.61 -0.23
CA TRP B 198 -21.35 -9.66 -0.18
C TRP B 198 -21.98 -9.67 -1.57
N LYS B 199 -21.71 -10.71 -2.36
CA LYS B 199 -22.05 -10.68 -3.78
C LYS B 199 -23.54 -10.49 -4.07
N SER B 200 -24.39 -11.27 -3.42
CA SER B 200 -25.83 -11.10 -3.62
C SER B 200 -26.33 -9.76 -3.06
N GLY B 201 -25.49 -9.09 -2.27
CA GLY B 201 -25.86 -7.79 -1.71
C GLY B 201 -25.64 -6.64 -2.68
N LYS B 202 -24.41 -6.19 -2.82
CA LYS B 202 -24.11 -5.09 -3.72
C LYS B 202 -22.89 -5.44 -4.56
N GLY B 203 -22.65 -6.73 -4.73
CA GLY B 203 -21.68 -7.22 -5.72
C GLY B 203 -20.21 -7.12 -5.39
N TYR B 204 -19.38 -7.44 -6.39
CA TYR B 204 -17.95 -7.51 -6.21
C TYR B 204 -17.26 -6.16 -6.25
N ASN B 205 -18.03 -5.08 -6.34
CA ASN B 205 -17.43 -3.74 -6.51
C ASN B 205 -17.98 -2.67 -5.58
N TYR B 206 -18.57 -3.11 -4.48
CA TYR B 206 -19.02 -2.20 -3.43
C TYR B 206 -18.67 -2.79 -2.06
N SER B 207 -17.94 -1.99 -1.27
CA SER B 207 -17.55 -2.39 0.07
C SER B 207 -18.45 -1.68 1.06
N TYR B 208 -19.08 -2.45 1.94
CA TYR B 208 -20.02 -1.90 2.93
C TYR B 208 -19.36 -0.98 3.95
N LYS B 209 -20.21 -0.28 4.70
CA LYS B 209 -19.78 0.61 5.74
C LYS B 209 -19.70 -0.17 7.03
N VAL B 210 -20.70 -1.03 7.26
CA VAL B 210 -20.76 -1.88 8.46
C VAL B 210 -20.91 -3.34 8.13
N SER B 211 -20.28 -4.20 8.94
CA SER B 211 -20.47 -5.63 8.89
C SER B 211 -20.37 -6.18 10.30
N GLU B 212 -21.28 -7.10 10.64
CA GLU B 212 -21.25 -7.82 11.91
C GLU B 212 -21.66 -9.30 11.73
N MET B 213 -20.98 -10.21 12.41
CA MET B 213 -21.32 -11.61 12.33
C MET B 213 -21.49 -12.13 13.74
N LYS B 214 -22.61 -12.78 14.02
CA LYS B 214 -22.97 -13.11 15.40
C LYS B 214 -23.71 -14.46 15.50
N VAL B 215 -23.61 -15.10 16.66
CA VAL B 215 -24.26 -16.40 16.87
C VAL B 215 -25.17 -16.43 18.07
N ARG B 216 -26.19 -17.27 18.01
CA ARG B 216 -27.13 -17.46 19.10
C ARG B 216 -27.54 -18.93 19.12
N PRO B 217 -27.68 -19.54 20.32
CA PRO B 217 -28.14 -20.92 20.44
C PRO B 217 -29.42 -21.11 19.65
N ALA B 218 -29.41 -22.06 18.72
CA ALA B 218 -30.59 -22.36 17.93
C ALA B 218 -31.50 -23.23 18.78
N PRO C 7 -2.91 -9.05 37.96
CA PRO C 7 -2.45 -8.33 36.77
C PRO C 7 -1.95 -6.93 37.14
N ARG C 8 -0.69 -6.65 36.81
CA ARG C 8 -0.06 -5.37 37.19
C ARG C 8 0.10 -4.36 36.05
N THR C 9 0.00 -4.83 34.81
CA THR C 9 0.09 -3.97 33.64
C THR C 9 -0.77 -4.56 32.53
N CYS C 10 -0.74 -3.93 31.35
CA CYS C 10 -1.46 -4.45 30.19
C CYS C 10 -0.70 -5.60 29.56
N LYS C 11 0.60 -5.66 29.82
CA LYS C 11 1.45 -6.73 29.31
C LYS C 11 1.15 -8.02 30.05
N ASP C 12 0.93 -7.91 31.36
CA ASP C 12 0.53 -9.07 32.15
C ASP C 12 -0.71 -9.67 31.54
N LEU C 13 -1.71 -8.82 31.32
CA LEU C 13 -2.99 -9.22 30.77
C LEU C 13 -2.86 -9.86 29.39
N LEU C 14 -2.03 -9.28 28.52
CA LEU C 14 -1.79 -9.87 27.21
C LEU C 14 -1.26 -11.28 27.39
N ASP C 15 -0.38 -11.46 28.38
CA ASP C 15 0.26 -12.74 28.61
C ASP C 15 -0.77 -13.75 29.06
N ARG C 16 -1.84 -13.27 29.68
CA ARG C 16 -2.85 -14.16 30.21
C ARG C 16 -4.01 -14.38 29.23
N GLY C 17 -3.75 -14.11 27.95
CA GLY C 17 -4.70 -14.42 26.88
C GLY C 17 -5.81 -13.40 26.65
N HIS C 18 -5.57 -12.15 27.01
CA HIS C 18 -6.48 -11.06 26.67
C HIS C 18 -6.00 -10.38 25.39
N PHE C 19 -6.50 -10.84 24.24
CA PHE C 19 -5.97 -10.41 22.94
C PHE C 19 -6.65 -9.20 22.32
N LEU C 20 -7.79 -8.81 22.84
CA LEU C 20 -8.49 -7.64 22.31
C LEU C 20 -8.18 -6.35 23.09
N SER C 21 -8.02 -5.24 22.39
CA SER C 21 -7.82 -3.94 23.04
C SER C 21 -9.11 -3.50 23.72
N GLY C 22 -8.96 -2.84 24.86
CA GLY C 22 -10.10 -2.37 25.62
C GLY C 22 -9.75 -2.08 27.05
N TRP C 23 -10.75 -1.66 27.81
CA TRP C 23 -10.53 -1.28 29.20
C TRP C 23 -10.46 -2.51 30.09
N HIS C 24 -9.32 -2.68 30.74
CA HIS C 24 -9.15 -3.74 31.72
C HIS C 24 -8.76 -3.03 32.98
N THR C 25 -9.02 -3.66 34.11
CA THR C 25 -8.57 -3.09 35.36
C THR C 25 -7.29 -3.80 35.84
N ILE C 26 -6.24 -3.02 36.06
CA ILE C 26 -4.97 -3.53 36.57
C ILE C 26 -4.80 -3.08 38.02
N TYR C 27 -3.67 -3.45 38.61
CA TYR C 27 -3.40 -3.05 39.99
C TYR C 27 -2.13 -2.23 40.11
N LEU C 28 -2.25 -1.01 40.61
CA LEU C 28 -1.09 -0.15 40.82
C LEU C 28 -0.14 -0.80 41.83
N PRO C 29 1.17 -0.54 41.71
CA PRO C 29 2.19 -1.14 42.58
C PRO C 29 1.90 -1.07 44.08
N ASP C 30 1.01 -0.16 44.50
CA ASP C 30 0.53 -0.15 45.88
C ASP C 30 -0.72 -1.01 46.04
N CYS C 31 -1.12 -1.64 44.93
CA CYS C 31 -2.32 -2.49 44.88
C CYS C 31 -3.62 -1.71 44.99
N ARG C 32 -3.66 -0.56 44.33
CA ARG C 32 -4.91 0.18 44.13
C ARG C 32 -5.40 -0.11 42.70
N PRO C 33 -6.69 -0.46 42.55
CA PRO C 33 -7.21 -0.80 41.22
C PRO C 33 -7.40 0.42 40.33
N LEU C 34 -7.21 0.23 39.02
CA LEU C 34 -7.24 1.32 38.07
C LEU C 34 -7.60 0.75 36.71
N THR C 35 -8.73 1.19 36.16
CA THR C 35 -9.14 0.78 34.81
C THR C 35 -8.39 1.57 33.74
N VAL C 36 -7.61 0.88 32.92
CA VAL C 36 -6.82 1.52 31.88
C VAL C 36 -7.09 0.93 30.50
N LEU C 37 -6.77 1.69 29.46
CA LEU C 37 -6.93 1.20 28.10
C LEU C 37 -5.73 0.37 27.68
N CYS C 38 -5.98 -0.86 27.24
CA CYS C 38 -4.90 -1.74 26.88
C CYS C 38 -4.91 -1.92 25.38
N ASP C 39 -3.87 -1.42 24.72
CA ASP C 39 -3.68 -1.62 23.29
C ASP C 39 -3.03 -2.97 23.12
N MET C 40 -3.79 -3.97 22.68
CA MET C 40 -3.26 -5.34 22.55
C MET C 40 -2.76 -5.64 21.14
N ASP C 41 -2.67 -4.63 20.29
CA ASP C 41 -2.46 -4.88 18.88
C ASP C 41 -1.19 -4.28 18.30
N THR C 42 -0.86 -3.06 18.74
CA THR C 42 0.25 -2.32 18.14
C THR C 42 1.59 -2.89 18.58
N ASP C 43 2.50 -3.04 17.64
CA ASP C 43 3.87 -3.41 17.96
C ASP C 43 3.90 -4.45 19.07
N GLY C 44 3.25 -5.58 18.83
CA GLY C 44 3.30 -6.70 19.76
C GLY C 44 2.30 -6.66 20.90
N GLY C 45 1.63 -5.53 21.08
CA GLY C 45 0.61 -5.39 22.12
C GLY C 45 1.14 -5.33 23.54
N GLY C 46 0.27 -5.05 24.50
CA GLY C 46 0.69 -4.95 25.89
C GLY C 46 0.85 -3.54 26.40
N TRP C 47 0.46 -2.57 25.58
CA TRP C 47 0.59 -1.16 25.91
C TRP C 47 -0.56 -0.61 26.76
N THR C 48 -0.21 0.04 27.86
CA THR C 48 -1.15 0.81 28.65
C THR C 48 -1.19 2.22 28.08
N VAL C 49 -2.36 2.64 27.62
CA VAL C 49 -2.50 3.93 26.96
C VAL C 49 -2.85 5.03 27.96
N PHE C 50 -2.09 6.12 27.94
CA PHE C 50 -2.37 7.21 28.90
C PHE C 50 -2.85 8.52 28.27
N GLN C 51 -2.79 8.63 26.94
CA GLN C 51 -3.44 9.76 26.24
C GLN C 51 -4.04 9.37 24.89
N ARG C 52 -5.15 10.01 24.53
CA ARG C 52 -5.79 9.70 23.26
C ARG C 52 -6.62 10.86 22.71
N ARG C 53 -6.24 11.29 21.51
CA ARG C 53 -7.02 12.22 20.70
C ARG C 53 -7.51 11.43 19.51
N VAL C 54 -8.72 11.74 19.05
CA VAL C 54 -9.19 11.05 17.87
C VAL C 54 -10.26 11.79 17.05
N ASP C 55 -11.06 12.64 17.71
CA ASP C 55 -12.17 13.27 17.02
C ASP C 55 -12.41 14.73 17.38
N GLY C 56 -11.73 15.21 18.42
CA GLY C 56 -11.79 16.62 18.83
C GLY C 56 -12.96 16.95 19.73
N SER C 57 -13.57 15.91 20.30
CA SER C 57 -14.77 16.05 21.14
C SER C 57 -14.46 16.46 22.57
N VAL C 58 -13.25 16.18 23.05
CA VAL C 58 -12.86 16.66 24.38
C VAL C 58 -11.97 17.90 24.28
N ASP C 59 -12.18 18.83 25.20
CA ASP C 59 -11.36 20.02 25.33
C ASP C 59 -10.13 19.69 26.15
N PHE C 60 -8.95 19.93 25.57
CA PHE C 60 -7.70 19.58 26.24
C PHE C 60 -6.98 20.79 26.82
N TYR C 61 -7.63 21.95 26.76
CA TYR C 61 -7.02 23.17 27.23
C TYR C 61 -7.40 23.36 28.69
N ARG C 62 -6.88 22.51 29.55
CA ARG C 62 -7.33 22.47 30.93
C ARG C 62 -6.29 22.95 31.93
N ASP C 63 -6.72 23.07 33.18
CA ASP C 63 -5.85 23.53 34.28
C ASP C 63 -5.05 22.39 34.91
N TRP C 64 -4.29 22.73 35.95
CA TRP C 64 -3.46 21.78 36.70
C TRP C 64 -4.25 20.65 37.40
N ALA C 65 -5.34 21.00 38.10
CA ALA C 65 -6.14 20.02 38.86
C ALA C 65 -6.69 18.92 37.97
N THR C 66 -7.10 19.32 36.77
CA THR C 66 -7.77 18.45 35.81
C THR C 66 -6.78 17.49 35.15
N TYR C 67 -5.59 17.99 34.84
CA TYR C 67 -4.53 17.14 34.31
C TYR C 67 -3.97 16.23 35.38
N LYS C 68 -3.94 16.73 36.62
CA LYS C 68 -3.47 15.95 37.76
C LYS C 68 -4.34 14.70 37.93
N GLN C 69 -5.65 14.89 37.96
CA GLN C 69 -6.56 13.79 38.23
C GLN C 69 -7.00 12.96 37.01
N GLY C 70 -6.92 13.54 35.82
CA GLY C 70 -7.34 12.82 34.60
C GLY C 70 -8.69 13.30 34.12
N PHE C 71 -8.96 13.16 32.83
CA PHE C 71 -10.22 13.68 32.26
C PHE C 71 -10.54 13.11 30.90
N GLY C 72 -11.82 13.11 30.56
CA GLY C 72 -12.28 12.65 29.25
C GLY C 72 -13.15 11.43 29.38
N SER C 73 -13.22 10.64 28.31
CA SER C 73 -14.09 9.49 28.28
C SER C 73 -13.39 8.20 27.82
N ARG C 74 -13.69 7.08 28.49
CA ARG C 74 -13.24 5.78 28.02
C ARG C 74 -13.78 5.57 26.62
N LEU C 75 -14.91 6.19 26.35
CA LEU C 75 -15.57 6.04 25.07
C LEU C 75 -14.88 6.84 23.96
N GLY C 76 -13.87 7.64 24.29
CA GLY C 76 -13.24 8.46 23.28
C GLY C 76 -11.86 9.00 23.58
N GLU C 77 -11.80 10.29 23.87
CA GLU C 77 -10.54 10.99 24.10
C GLU C 77 -10.33 11.14 25.59
N PHE C 78 -9.08 11.09 26.03
CA PHE C 78 -8.79 11.19 27.46
C PHE C 78 -7.32 11.44 27.77
N TRP C 79 -7.10 11.89 29.00
CA TRP C 79 -5.79 11.97 29.58
C TRP C 79 -5.93 11.24 30.90
N LEU C 80 -5.14 10.17 31.07
CA LEU C 80 -5.30 9.25 32.20
C LEU C 80 -5.14 9.96 33.52
N GLY C 81 -4.40 11.07 33.52
CA GLY C 81 -4.15 11.80 34.73
C GLY C 81 -2.70 11.66 35.15
N ASN C 82 -2.14 12.77 35.61
CA ASN C 82 -0.73 12.79 35.93
C ASN C 82 -0.35 11.90 37.12
N ASP C 83 -1.16 11.87 38.17
CA ASP C 83 -0.85 10.99 39.31
C ASP C 83 -0.79 9.53 38.88
N ASN C 84 -1.73 9.14 38.03
CA ASN C 84 -1.77 7.80 37.50
C ASN C 84 -0.59 7.53 36.59
N ILE C 85 -0.21 8.50 35.76
CA ILE C 85 0.92 8.28 34.86
C ILE C 85 2.22 8.13 35.65
N HIS C 86 2.30 8.85 36.76
CA HIS C 86 3.43 8.68 37.68
C HIS C 86 3.43 7.29 38.32
N ALA C 87 2.31 6.92 38.94
CA ALA C 87 2.16 5.62 39.55
C ALA C 87 2.52 4.51 38.57
N LEU C 88 2.09 4.67 37.33
CA LEU C 88 2.29 3.64 36.33
C LEU C 88 3.75 3.52 35.96
N THR C 89 4.42 4.65 35.82
CA THR C 89 5.81 4.64 35.44
C THR C 89 6.75 4.77 36.66
N ALA C 90 6.22 4.45 37.84
CA ALA C 90 6.94 4.60 39.12
C ALA C 90 8.01 3.54 39.33
N GLN C 91 7.57 2.28 39.42
CA GLN C 91 8.51 1.16 39.60
C GLN C 91 8.95 0.55 38.27
N GLY C 92 10.26 0.59 38.02
CA GLY C 92 10.85 -0.18 36.92
C GLY C 92 11.17 0.63 35.68
N THR C 93 10.94 0.03 34.53
CA THR C 93 11.31 0.67 33.29
C THR C 93 10.23 0.44 32.25
N SER C 94 9.76 1.55 31.66
CA SER C 94 8.69 1.51 30.67
C SER C 94 9.11 2.21 29.40
N GLU C 95 9.02 1.51 28.28
CA GLU C 95 9.19 2.12 26.97
C GLU C 95 7.98 2.99 26.69
N LEU C 96 8.19 4.05 25.92
CA LEU C 96 7.10 4.89 25.47
C LEU C 96 6.91 4.72 23.98
N ARG C 97 5.66 4.67 23.57
CA ARG C 97 5.32 4.75 22.17
C ARG C 97 4.30 5.87 21.95
N THR C 98 4.58 6.68 20.94
CA THR C 98 3.67 7.72 20.49
C THR C 98 3.18 7.30 19.13
N ASP C 99 1.87 7.19 18.99
CA ASP C 99 1.26 6.83 17.72
C ASP C 99 0.47 8.00 17.15
N LEU C 100 0.65 8.25 15.85
CA LEU C 100 0.00 9.38 15.18
C LEU C 100 -0.58 8.97 13.82
N VAL C 101 -1.80 9.42 13.54
CA VAL C 101 -2.47 9.16 12.27
C VAL C 101 -2.95 10.49 11.71
N ASP C 102 -2.68 10.76 10.42
CA ASP C 102 -3.11 12.02 9.81
C ASP C 102 -4.49 11.90 9.16
N PHE C 103 -4.92 12.93 8.43
CA PHE C 103 -6.25 12.91 7.81
C PHE C 103 -6.23 12.33 6.40
N GLU C 104 -5.20 11.57 6.09
CA GLU C 104 -5.19 10.79 4.87
C GLU C 104 -4.98 9.35 5.27
N ASP C 105 -5.10 9.10 6.57
CA ASP C 105 -4.90 7.79 7.19
C ASP C 105 -3.49 7.26 7.16
N ASN C 106 -2.50 8.14 7.01
CA ASN C 106 -1.10 7.75 7.13
C ASN C 106 -0.68 7.64 8.59
N TYR C 107 0.04 6.56 8.91
CA TYR C 107 0.50 6.34 10.29
C TYR C 107 1.96 6.75 10.48
N GLN C 108 2.27 7.25 11.67
CA GLN C 108 3.61 7.63 12.07
C GLN C 108 3.75 7.30 13.54
N PHE C 109 4.93 6.91 13.98
CA PHE C 109 5.11 6.65 15.41
C PHE C 109 6.44 7.15 15.89
N ALA C 110 6.63 7.10 17.21
CA ALA C 110 7.91 7.37 17.82
C ALA C 110 8.07 6.45 19.04
N LYS C 111 9.30 6.08 19.33
CA LYS C 111 9.56 5.12 20.40
C LYS C 111 10.75 5.57 21.24
N TYR C 112 10.72 5.25 22.51
CA TYR C 112 11.76 5.71 23.43
C TYR C 112 12.11 4.64 24.44
N ARG C 113 13.41 4.41 24.63
CA ARG C 113 13.90 3.38 25.55
C ARG C 113 13.14 3.34 26.88
N SER C 114 13.03 4.49 27.52
CA SER C 114 12.37 4.57 28.82
C SER C 114 11.54 5.85 28.91
N PHE C 115 10.63 5.88 29.88
CA PHE C 115 9.74 7.01 30.05
C PHE C 115 9.28 7.04 31.50
N LYS C 116 9.45 8.17 32.15
CA LYS C 116 9.07 8.30 33.54
C LYS C 116 8.63 9.74 33.78
N VAL C 117 7.60 9.92 34.60
CA VAL C 117 7.23 11.25 35.08
C VAL C 117 7.24 11.26 36.59
N ALA C 118 7.89 12.26 37.18
CA ALA C 118 7.99 12.37 38.64
C ALA C 118 6.64 12.66 39.31
N ASP C 119 6.60 12.67 40.64
CA ASP C 119 5.35 12.96 41.33
C ASP C 119 5.03 14.46 41.31
N GLU C 120 3.88 14.84 41.84
CA GLU C 120 3.43 16.23 41.76
C GLU C 120 4.42 17.21 42.37
N ALA C 121 5.10 16.77 43.43
CA ALA C 121 6.07 17.61 44.09
C ALA C 121 7.14 18.09 43.11
N GLU C 122 7.61 17.19 42.26
CA GLU C 122 8.65 17.55 41.30
C GLU C 122 8.01 17.98 39.99
N LYS C 123 6.76 18.43 40.09
CA LYS C 123 6.01 19.01 38.98
C LYS C 123 5.91 18.10 37.75
N TYR C 124 5.57 16.83 38.02
CA TYR C 124 5.45 15.80 36.98
C TYR C 124 6.58 15.83 35.94
N ASN C 125 7.79 16.13 36.41
CA ASN C 125 8.97 16.21 35.58
C ASN C 125 9.09 15.04 34.59
N LEU C 126 9.56 15.32 33.38
CA LEU C 126 9.67 14.33 32.32
C LEU C 126 11.08 13.74 32.28
N VAL C 127 11.18 12.42 32.33
CA VAL C 127 12.47 11.72 32.27
C VAL C 127 12.44 10.72 31.12
N LEU C 128 13.17 10.98 30.06
CA LEU C 128 13.05 10.21 28.83
C LEU C 128 14.36 9.50 28.45
N GLY C 129 14.25 8.29 27.92
CA GLY C 129 15.43 7.55 27.49
C GLY C 129 15.72 7.92 26.05
N ALA C 130 16.60 7.17 25.39
CA ALA C 130 16.96 7.48 24.02
C ALA C 130 15.82 7.20 23.04
N PHE C 131 15.78 7.97 21.97
CA PHE C 131 14.91 7.71 20.85
C PHE C 131 15.45 6.44 20.23
N VAL C 132 14.59 5.46 19.98
CA VAL C 132 15.06 4.24 19.33
C VAL C 132 14.68 4.21 17.83
N GLU C 133 13.47 4.65 17.49
CA GLU C 133 13.09 4.73 16.08
C GLU C 133 11.67 5.27 15.92
N GLY C 134 11.23 5.46 14.68
CA GLY C 134 9.88 5.94 14.42
C GLY C 134 9.78 6.96 13.30
N SER C 135 8.84 6.74 12.39
CA SER C 135 8.75 7.57 11.18
C SER C 135 8.29 9.00 11.46
N ALA C 136 8.00 9.30 12.72
CA ALA C 136 7.57 10.65 13.08
C ALA C 136 8.79 11.50 13.42
N GLY C 137 9.90 10.83 13.76
CA GLY C 137 11.10 11.51 14.20
C GLY C 137 11.01 11.87 15.66
N ASP C 138 12.14 12.23 16.26
CA ASP C 138 12.20 12.56 17.67
C ASP C 138 11.77 14.00 17.91
N SER C 139 10.62 14.19 18.54
CA SER C 139 10.14 15.52 18.84
C SER C 139 9.77 15.57 20.29
N LEU C 140 10.52 14.84 21.11
CA LEU C 140 10.20 14.72 22.53
C LEU C 140 11.43 14.87 23.39
N THR C 141 12.58 14.43 22.86
CA THR C 141 13.85 14.55 23.58
C THR C 141 14.13 15.99 23.98
N PHE C 142 13.90 16.91 23.05
CA PHE C 142 13.95 18.34 23.34
C PHE C 142 13.30 18.68 24.68
N HIS C 143 12.28 17.93 25.07
CA HIS C 143 11.49 18.27 26.25
C HIS C 143 11.91 17.55 27.52
N ASN C 144 12.91 16.67 27.41
CA ASN C 144 13.47 15.96 28.59
C ASN C 144 13.94 16.84 29.74
N ASN C 145 13.63 16.41 30.97
CA ASN C 145 13.96 17.14 32.20
C ASN C 145 13.25 18.50 32.32
N GLN C 146 11.97 18.52 31.98
CA GLN C 146 11.16 19.72 32.16
C GLN C 146 9.90 19.43 32.94
N SER C 147 9.39 20.47 33.61
CA SER C 147 8.15 20.36 34.33
C SER C 147 6.97 20.39 33.36
N PHE C 148 5.83 19.97 33.87
CA PHE C 148 4.60 20.02 33.12
C PHE C 148 3.95 21.37 33.39
N SER C 149 3.46 22.03 32.34
CA SER C 149 2.85 23.35 32.48
C SER C 149 1.40 23.36 32.00
N THR C 150 0.58 24.15 32.68
CA THR C 150 -0.76 24.41 32.20
C THR C 150 -1.00 25.90 32.25
N LYS C 151 -2.14 26.32 31.69
CA LYS C 151 -2.47 27.75 31.62
C LYS C 151 -2.34 28.42 32.99
N ASP C 152 -2.85 27.76 34.02
CA ASP C 152 -2.86 28.33 35.37
C ASP C 152 -1.57 28.11 36.18
N GLN C 153 -0.74 27.15 35.80
CA GLN C 153 0.52 26.95 36.51
C GLN C 153 1.70 26.86 35.52
N ASP C 154 2.29 28.02 35.25
CA ASP C 154 3.33 28.17 34.27
C ASP C 154 4.66 27.75 34.86
N ASN C 155 5.31 26.74 34.29
CA ASN C 155 6.61 26.31 34.79
C ASN C 155 7.65 26.24 33.68
N ASP C 156 7.41 26.96 32.59
CA ASP C 156 8.27 26.85 31.42
C ASP C 156 9.52 27.75 31.50
N LEU C 157 10.26 27.79 30.41
CA LEU C 157 11.46 28.61 30.33
C LEU C 157 11.22 29.75 29.36
N ASN C 158 9.99 30.24 29.33
CA ASN C 158 9.65 31.33 28.45
C ASN C 158 9.05 32.45 29.28
N THR C 159 9.41 33.69 28.97
CA THR C 159 8.93 34.83 29.72
C THR C 159 7.40 34.91 29.69
N GLY C 160 6.78 34.40 28.63
CA GLY C 160 5.32 34.32 28.59
C GLY C 160 4.81 32.95 29.01
N ASN C 161 3.50 32.75 28.88
CA ASN C 161 2.85 31.47 29.18
C ASN C 161 2.75 30.59 27.91
N CYS C 162 3.44 29.44 27.88
CA CYS C 162 3.39 28.60 26.69
C CYS C 162 2.07 27.86 26.56
N ALA C 163 1.54 27.37 27.67
CA ALA C 163 0.26 26.71 27.63
C ALA C 163 -0.74 27.64 26.96
N VAL C 164 -0.77 28.90 27.41
CA VAL C 164 -1.69 29.89 26.84
C VAL C 164 -1.34 30.27 25.40
N MET C 165 -0.05 30.32 25.09
CA MET C 165 0.37 30.74 23.76
C MET C 165 0.10 29.68 22.71
N PHE C 166 0.10 28.42 23.11
CA PHE C 166 -0.09 27.33 22.16
C PHE C 166 -1.25 26.40 22.54
N GLN C 167 -2.16 26.95 23.33
CA GLN C 167 -3.38 26.28 23.81
C GLN C 167 -3.27 24.77 24.03
N GLY C 168 -2.40 24.38 24.95
CA GLY C 168 -2.23 22.97 25.31
C GLY C 168 -1.69 22.81 26.72
N ALA C 169 -1.10 21.65 27.00
CA ALA C 169 -0.45 21.36 28.28
C ALA C 169 0.66 20.35 28.03
N TRP C 170 1.86 20.65 28.51
CA TRP C 170 3.02 19.89 28.10
C TRP C 170 4.19 20.12 29.04
N TRP C 171 5.31 19.51 28.71
CA TRP C 171 6.54 19.80 29.40
C TRP C 171 7.21 20.91 28.59
N TYR C 172 6.54 22.05 28.55
CA TYR C 172 6.98 23.22 27.78
C TYR C 172 8.31 23.84 28.24
N LYS C 173 9.24 24.01 27.30
CA LYS C 173 10.45 24.81 27.54
C LYS C 173 10.31 26.23 26.95
N ASN C 174 10.68 26.39 25.69
CA ASN C 174 10.71 27.72 25.09
C ASN C 174 10.31 27.78 23.62
N CYS C 175 9.22 27.13 23.22
CA CYS C 175 8.33 26.42 24.12
C CYS C 175 8.27 24.94 23.82
N HIS C 176 7.98 24.61 22.57
CA HIS C 176 7.76 23.22 22.28
C HIS C 176 8.16 22.80 20.88
N THR C 177 8.35 21.50 20.76
CA THR C 177 8.66 20.87 19.50
C THR C 177 7.61 19.76 19.27
N SER C 178 6.90 19.41 20.34
CA SER C 178 5.73 18.56 20.29
C SER C 178 4.64 19.20 21.15
N ASN C 179 3.38 19.06 20.73
CA ASN C 179 2.28 19.74 21.40
C ASN C 179 1.01 18.88 21.35
N LEU C 180 1.15 17.62 21.72
CA LEU C 180 0.09 16.62 21.53
C LEU C 180 -1.23 16.89 22.28
N ASN C 181 -1.15 17.68 23.34
CA ASN C 181 -2.36 18.09 24.02
C ASN C 181 -2.90 19.43 23.53
N GLY C 182 -2.53 19.80 22.30
CA GLY C 182 -2.95 21.06 21.69
C GLY C 182 -4.39 21.01 21.18
N ARG C 183 -4.82 22.09 20.51
CA ARG C 183 -6.18 22.15 19.97
C ARG C 183 -6.36 21.25 18.74
N TYR C 184 -7.54 20.63 18.65
CA TYR C 184 -7.87 19.75 17.54
C TYR C 184 -8.21 20.57 16.28
N LEU C 185 -7.19 20.89 15.49
CA LEU C 185 -7.35 21.89 14.44
C LEU C 185 -7.67 21.34 13.06
N ARG C 186 -7.48 20.04 12.87
CA ARG C 186 -7.97 19.36 11.67
C ARG C 186 -7.13 19.58 10.41
N GLY C 187 -5.89 19.10 10.40
CA GLY C 187 -5.06 19.18 9.20
C GLY C 187 -4.12 20.36 9.22
N THR C 188 -3.88 20.95 8.04
CA THR C 188 -3.01 22.12 7.97
C THR C 188 -3.71 23.31 8.54
N HIS C 189 -3.01 24.06 9.37
CA HIS C 189 -3.54 25.31 9.91
C HIS C 189 -2.56 26.46 9.74
N GLY C 190 -3.10 27.63 9.38
CA GLY C 190 -2.29 28.84 9.29
C GLY C 190 -1.70 29.23 10.64
N SER C 191 -2.52 29.14 11.68
CA SER C 191 -2.11 29.43 13.04
C SER C 191 -0.86 28.64 13.39
N PHE C 192 0.08 29.32 14.04
CA PHE C 192 1.39 28.76 14.29
C PHE C 192 1.50 27.91 15.56
N ALA C 193 1.68 26.61 15.35
CA ALA C 193 2.12 25.69 16.41
C ALA C 193 1.15 25.44 17.57
N ASN C 194 -0.13 25.64 17.34
CA ASN C 194 -1.10 25.47 18.42
C ASN C 194 -2.04 24.29 18.24
N GLY C 195 -1.70 23.37 17.36
CA GLY C 195 -2.52 22.21 17.12
C GLY C 195 -1.87 20.96 17.64
N ILE C 196 -2.47 19.81 17.38
CA ILE C 196 -1.82 18.55 17.74
C ILE C 196 -0.58 18.38 16.85
N ASN C 197 0.52 18.98 17.29
CA ASN C 197 1.72 19.17 16.46
C ASN C 197 2.93 18.35 16.93
N TRP C 198 3.59 17.73 15.96
CA TRP C 198 4.84 17.00 16.17
C TRP C 198 5.77 17.53 15.09
N LYS C 199 6.72 18.37 15.47
CA LYS C 199 7.44 19.19 14.52
C LYS C 199 8.27 18.39 13.53
N SER C 200 8.87 17.29 13.99
CA SER C 200 9.65 16.43 13.11
C SER C 200 8.72 15.56 12.25
N GLY C 201 7.44 15.54 12.61
CA GLY C 201 6.43 14.81 11.86
C GLY C 201 5.82 15.64 10.75
N LYS C 202 4.74 16.36 11.04
CA LYS C 202 4.06 17.13 10.02
C LYS C 202 4.29 18.63 10.22
N GLY C 203 5.11 18.97 11.19
CA GLY C 203 5.51 20.34 11.39
C GLY C 203 4.61 21.11 12.32
N TYR C 204 4.93 22.39 12.48
CA TYR C 204 4.21 23.26 13.40
C TYR C 204 2.86 23.72 12.85
N ASN C 205 2.49 23.23 11.67
CA ASN C 205 1.30 23.71 10.99
C ASN C 205 0.37 22.60 10.50
N TYR C 206 0.59 21.39 11.01
CA TYR C 206 -0.32 20.31 10.75
C TYR C 206 -0.75 19.64 12.05
N SER C 207 -2.05 19.49 12.23
CA SER C 207 -2.62 18.89 13.43
C SER C 207 -3.26 17.51 13.17
N TYR C 208 -2.68 16.48 13.75
CA TYR C 208 -3.07 15.10 13.47
C TYR C 208 -4.53 14.75 13.74
N LYS C 209 -4.99 13.67 13.13
CA LYS C 209 -6.34 13.19 13.36
C LYS C 209 -6.37 12.35 14.62
N VAL C 210 -5.35 11.50 14.76
CA VAL C 210 -5.25 10.64 15.92
C VAL C 210 -3.90 10.81 16.59
N SER C 211 -3.90 10.68 17.91
CA SER C 211 -2.70 10.73 18.70
C SER C 211 -2.87 9.81 19.90
N GLU C 212 -1.94 8.88 20.11
CA GLU C 212 -1.97 8.06 21.30
C GLU C 212 -0.59 7.96 21.92
N MET C 213 -0.51 8.03 23.24
CA MET C 213 0.75 7.86 23.99
C MET C 213 0.64 6.65 24.93
N LYS C 214 1.53 5.68 24.77
CA LYS C 214 1.39 4.43 25.52
C LYS C 214 2.68 3.93 26.15
N VAL C 215 2.56 3.18 27.25
CA VAL C 215 3.72 2.61 27.96
C VAL C 215 3.69 1.07 28.02
N ARG C 216 4.85 0.46 28.11
CA ARG C 216 4.92 -1.00 28.26
C ARG C 216 6.22 -1.38 28.94
N PRO C 217 6.18 -2.34 29.88
CA PRO C 217 7.45 -2.76 30.50
C PRO C 217 8.50 -3.06 29.43
N ALA C 218 9.66 -2.43 29.59
CA ALA C 218 10.76 -2.60 28.65
C ALA C 218 11.22 -4.04 28.72
N THR D 5 3.96 24.49 -27.09
CA THR D 5 4.96 23.67 -26.35
C THR D 5 4.55 22.18 -26.28
N GLY D 6 5.41 21.35 -25.71
CA GLY D 6 5.12 19.92 -25.57
C GLY D 6 5.07 19.43 -24.12
N PRO D 7 5.34 18.13 -23.91
CA PRO D 7 5.31 17.51 -22.59
C PRO D 7 6.43 17.99 -21.65
N ARG D 8 6.07 18.22 -20.39
CA ARG D 8 7.01 18.76 -19.39
C ARG D 8 7.40 17.74 -18.31
N THR D 9 6.57 16.72 -18.11
CA THR D 9 6.91 15.67 -17.16
C THR D 9 6.46 14.33 -17.67
N CYS D 10 6.84 13.28 -16.93
CA CYS D 10 6.36 11.94 -17.20
C CYS D 10 4.89 11.86 -16.90
N LYS D 11 4.42 12.66 -15.94
CA LYS D 11 3.00 12.75 -15.61
C LYS D 11 2.19 13.21 -16.84
N ASP D 12 2.77 14.17 -17.57
CA ASP D 12 2.16 14.68 -18.79
C ASP D 12 1.98 13.56 -19.80
N LEU D 13 3.07 12.83 -20.08
CA LEU D 13 3.07 11.78 -21.08
C LEU D 13 1.98 10.74 -20.80
N LEU D 14 1.90 10.32 -19.55
CA LEU D 14 0.89 9.36 -19.15
C LEU D 14 -0.49 9.90 -19.46
N ASP D 15 -0.73 11.15 -19.12
CA ASP D 15 -2.03 11.76 -19.42
C ASP D 15 -2.26 11.84 -20.93
N ARG D 16 -1.19 11.85 -21.72
CA ARG D 16 -1.30 11.85 -23.18
C ARG D 16 -1.35 10.43 -23.77
N GLY D 17 -1.51 9.43 -22.89
CA GLY D 17 -1.70 8.05 -23.33
C GLY D 17 -0.46 7.21 -23.60
N HIS D 18 0.65 7.54 -22.94
CA HIS D 18 1.82 6.68 -23.01
C HIS D 18 1.82 5.78 -21.77
N PHE D 19 1.41 4.53 -21.96
CA PHE D 19 1.15 3.64 -20.82
C PHE D 19 2.31 2.69 -20.49
N LEU D 20 3.25 2.55 -21.42
CA LEU D 20 4.38 1.67 -21.21
C LEU D 20 5.52 2.46 -20.60
N SER D 21 6.17 1.89 -19.60
CA SER D 21 7.31 2.55 -18.97
C SER D 21 8.50 2.62 -19.91
N GLY D 22 9.35 3.62 -19.72
CA GLY D 22 10.56 3.72 -20.52
C GLY D 22 11.00 5.13 -20.85
N TRP D 23 12.10 5.21 -21.59
CA TRP D 23 12.71 6.47 -21.92
C TRP D 23 11.89 7.34 -22.89
N HIS D 24 11.47 8.51 -22.40
CA HIS D 24 10.72 9.46 -23.19
C HIS D 24 11.44 10.80 -23.11
N THR D 25 11.17 11.68 -24.07
CA THR D 25 11.82 12.97 -24.07
C THR D 25 10.87 14.10 -23.70
N ILE D 26 11.13 14.70 -22.54
CA ILE D 26 10.33 15.79 -21.98
C ILE D 26 11.02 17.14 -22.14
N TYR D 27 10.24 18.20 -22.04
CA TYR D 27 10.78 19.54 -22.20
C TYR D 27 10.86 20.24 -20.87
N LEU D 28 12.09 20.64 -20.52
CA LEU D 28 12.32 21.38 -19.29
C LEU D 28 11.77 22.80 -19.46
N PRO D 29 11.33 23.42 -18.35
CA PRO D 29 10.88 24.82 -18.39
C PRO D 29 11.90 25.75 -19.06
N ASP D 30 13.19 25.50 -18.81
CA ASP D 30 14.28 26.28 -19.40
C ASP D 30 14.28 26.29 -20.94
N CYS D 31 13.49 25.41 -21.55
CA CYS D 31 13.61 25.08 -22.97
C CYS D 31 13.89 23.59 -23.14
N ARG D 32 14.96 23.32 -23.90
CA ARG D 32 15.78 22.11 -23.84
C ARG D 32 15.07 20.76 -23.64
N PRO D 33 15.20 19.88 -24.65
CA PRO D 33 14.67 18.53 -24.59
C PRO D 33 15.57 17.62 -23.73
N LEU D 34 14.95 16.86 -22.83
CA LEU D 34 15.70 15.92 -21.98
C LEU D 34 15.05 14.54 -22.04
N THR D 35 15.86 13.50 -22.22
CA THR D 35 15.35 12.14 -22.30
C THR D 35 15.37 11.44 -20.94
N VAL D 36 14.19 11.15 -20.39
CA VAL D 36 14.07 10.61 -19.03
C VAL D 36 13.36 9.27 -18.95
N LEU D 37 13.58 8.56 -17.85
CA LEU D 37 12.89 7.29 -17.60
C LEU D 37 11.53 7.53 -16.95
N CYS D 38 10.47 7.11 -17.61
CA CYS D 38 9.12 7.23 -17.09
C CYS D 38 8.65 5.90 -16.50
N ASP D 39 8.30 5.91 -15.22
CA ASP D 39 7.67 4.75 -14.60
C ASP D 39 6.14 4.93 -14.69
N MET D 40 5.51 4.12 -15.53
CA MET D 40 4.08 4.27 -15.79
C MET D 40 3.20 3.30 -15.00
N ASP D 41 3.81 2.53 -14.10
CA ASP D 41 3.10 1.47 -13.42
C ASP D 41 2.92 1.71 -11.91
N THR D 42 4.01 2.06 -11.24
CA THR D 42 4.06 2.16 -9.79
C THR D 42 3.20 3.28 -9.22
N ASP D 43 2.23 2.91 -8.38
CA ASP D 43 1.44 3.88 -7.64
C ASP D 43 0.73 4.84 -8.59
N GLY D 44 0.04 4.28 -9.58
CA GLY D 44 -0.68 5.11 -10.56
C GLY D 44 0.17 5.70 -11.67
N GLY D 45 1.49 5.53 -11.58
CA GLY D 45 2.38 5.88 -12.67
C GLY D 45 2.61 7.36 -12.92
N GLY D 46 3.49 7.68 -13.86
CA GLY D 46 3.78 9.07 -14.21
C GLY D 46 4.96 9.64 -13.44
N TRP D 47 5.81 8.76 -12.93
CA TRP D 47 7.02 9.18 -12.24
C TRP D 47 8.20 9.34 -13.20
N THR D 48 8.94 10.43 -13.07
CA THR D 48 10.21 10.54 -13.74
C THR D 48 11.28 9.99 -12.81
N VAL D 49 12.02 8.98 -13.26
CA VAL D 49 13.05 8.34 -12.45
C VAL D 49 14.40 8.99 -12.66
N PHE D 50 15.08 9.35 -11.58
CA PHE D 50 16.38 10.00 -11.71
C PHE D 50 17.52 9.19 -11.09
N GLN D 51 17.19 8.10 -10.41
CA GLN D 51 18.22 7.23 -9.87
C GLN D 51 17.80 5.77 -9.94
N ARG D 52 18.73 4.90 -10.33
CA ARG D 52 18.41 3.50 -10.46
C ARG D 52 19.60 2.59 -10.20
N ARG D 53 19.39 1.56 -9.38
CA ARG D 53 20.37 0.51 -9.12
C ARG D 53 19.64 -0.80 -9.35
N VAL D 54 20.29 -1.77 -9.99
CA VAL D 54 19.56 -2.99 -10.29
C VAL D 54 20.40 -4.26 -10.38
N ASP D 55 21.69 -4.11 -10.63
CA ASP D 55 22.57 -5.28 -10.77
C ASP D 55 24.02 -4.98 -10.38
N GLY D 56 24.27 -3.72 -9.99
CA GLY D 56 25.62 -3.30 -9.65
C GLY D 56 26.57 -3.25 -10.83
N SER D 57 26.06 -2.96 -12.03
CA SER D 57 26.93 -2.93 -13.20
C SER D 57 27.68 -1.62 -13.36
N VAL D 58 27.15 -0.55 -12.78
CA VAL D 58 27.74 0.78 -12.92
C VAL D 58 28.40 1.23 -11.62
N ASP D 59 29.47 1.98 -11.74
CA ASP D 59 30.21 2.44 -10.56
C ASP D 59 29.66 3.76 -10.12
N PHE D 60 29.05 3.79 -8.95
CA PHE D 60 28.41 4.99 -8.43
C PHE D 60 29.29 5.78 -7.48
N TYR D 61 30.57 5.41 -7.42
CA TYR D 61 31.51 6.09 -6.53
C TYR D 61 32.22 7.21 -7.28
N ARG D 62 31.43 8.16 -7.80
CA ARG D 62 31.94 9.13 -8.76
C ARG D 62 32.12 10.53 -8.20
N ASP D 63 32.83 11.35 -8.97
CA ASP D 63 33.20 12.68 -8.53
C ASP D 63 32.15 13.73 -8.84
N TRP D 64 32.39 14.95 -8.36
CA TRP D 64 31.44 16.04 -8.47
C TRP D 64 30.98 16.28 -9.92
N ALA D 65 31.91 16.57 -10.81
CA ALA D 65 31.56 16.91 -12.20
C ALA D 65 30.69 15.84 -12.82
N THR D 66 30.91 14.58 -12.42
CA THR D 66 30.15 13.46 -12.95
C THR D 66 28.72 13.48 -12.43
N TYR D 67 28.57 13.60 -11.10
CA TYR D 67 27.24 13.68 -10.47
C TYR D 67 26.43 14.87 -10.95
N LYS D 68 27.15 15.89 -11.42
CA LYS D 68 26.53 17.12 -11.91
C LYS D 68 25.88 16.86 -13.27
N GLN D 69 26.62 16.19 -14.15
CA GLN D 69 26.14 15.98 -15.51
C GLN D 69 25.30 14.73 -15.66
N GLY D 70 25.47 13.77 -14.77
CA GLY D 70 24.74 12.52 -14.87
C GLY D 70 25.63 11.46 -15.48
N PHE D 71 25.38 10.21 -15.10
CA PHE D 71 26.16 9.08 -15.59
C PHE D 71 25.33 7.81 -15.56
N GLY D 72 25.83 6.78 -16.22
CA GLY D 72 25.13 5.51 -16.29
C GLY D 72 24.65 5.20 -17.69
N SER D 73 23.59 4.40 -17.76
CA SER D 73 23.11 3.85 -19.01
C SER D 73 21.59 3.70 -18.98
N ARG D 74 20.95 4.14 -20.06
CA ARG D 74 19.51 3.99 -20.18
C ARG D 74 19.19 2.51 -20.11
N LEU D 75 20.17 1.69 -20.47
CA LEU D 75 20.00 0.24 -20.47
C LEU D 75 20.16 -0.36 -19.09
N GLY D 76 20.62 0.42 -18.12
CA GLY D 76 20.90 -0.11 -16.78
C GLY D 76 20.71 0.85 -15.60
N GLU D 77 21.80 1.06 -14.86
CA GLU D 77 21.79 1.94 -13.70
C GLU D 77 22.18 3.33 -14.14
N PHE D 78 21.74 4.35 -13.42
CA PHE D 78 22.08 5.73 -13.80
C PHE D 78 21.73 6.73 -12.73
N TRP D 79 22.43 7.86 -12.77
CA TRP D 79 22.07 9.01 -11.98
C TRP D 79 21.76 10.07 -12.99
N LEU D 80 20.58 10.68 -12.88
CA LEU D 80 20.09 11.58 -13.92
C LEU D 80 21.00 12.81 -14.06
N GLY D 81 21.71 13.15 -12.99
CA GLY D 81 22.60 14.31 -13.01
C GLY D 81 21.98 15.50 -12.29
N ASN D 82 22.75 16.09 -11.38
CA ASN D 82 22.21 17.10 -10.46
C ASN D 82 21.62 18.36 -11.10
N ASP D 83 22.22 18.85 -12.18
CA ASP D 83 21.61 19.97 -12.88
C ASP D 83 20.22 19.59 -13.36
N ASN D 84 20.10 18.51 -14.13
CA ASN D 84 18.78 18.08 -14.59
C ASN D 84 17.83 17.89 -13.43
N ILE D 85 18.28 17.19 -12.39
CA ILE D 85 17.43 16.95 -11.25
C ILE D 85 16.91 18.27 -10.68
N HIS D 86 17.78 19.28 -10.60
CA HIS D 86 17.35 20.60 -10.13
C HIS D 86 16.34 21.23 -11.07
N ALA D 87 16.73 21.35 -12.33
CA ALA D 87 15.84 21.86 -13.35
C ALA D 87 14.47 21.19 -13.26
N LEU D 88 14.46 19.88 -13.03
CA LEU D 88 13.21 19.12 -13.03
C LEU D 88 12.34 19.38 -11.80
N THR D 89 12.95 19.78 -10.70
CA THR D 89 12.23 19.93 -9.44
C THR D 89 12.07 21.39 -9.02
N ALA D 90 12.55 22.30 -9.86
CA ALA D 90 12.55 23.74 -9.54
C ALA D 90 11.14 24.30 -9.34
N GLN D 91 10.33 24.27 -10.39
CA GLN D 91 8.97 24.80 -10.34
C GLN D 91 7.93 23.70 -10.14
N GLY D 92 6.74 24.09 -9.71
CA GLY D 92 5.71 23.12 -9.29
C GLY D 92 6.18 22.50 -7.98
N THR D 93 5.51 21.42 -7.55
CA THR D 93 6.04 20.66 -6.41
C THR D 93 6.07 19.15 -6.70
N SER D 94 7.26 18.58 -6.60
CA SER D 94 7.46 17.17 -6.93
C SER D 94 7.43 16.35 -5.66
N GLU D 95 6.59 15.34 -5.66
CA GLU D 95 6.51 14.38 -4.57
C GLU D 95 7.58 13.33 -4.86
N LEU D 96 8.19 12.80 -3.82
CA LEU D 96 9.29 11.87 -4.01
C LEU D 96 8.92 10.48 -3.51
N ARG D 97 9.12 9.49 -4.38
CA ARG D 97 9.00 8.10 -3.98
C ARG D 97 10.36 7.41 -4.13
N THR D 98 10.74 6.62 -3.13
CA THR D 98 11.90 5.77 -3.20
C THR D 98 11.43 4.33 -3.19
N ASP D 99 12.00 3.49 -4.05
CA ASP D 99 11.61 2.07 -4.11
C ASP D 99 12.80 1.15 -3.87
N LEU D 100 12.63 0.19 -2.97
CA LEU D 100 13.73 -0.67 -2.55
C LEU D 100 13.35 -2.14 -2.58
N VAL D 101 14.17 -2.97 -3.22
CA VAL D 101 13.93 -4.41 -3.20
C VAL D 101 15.10 -5.15 -2.58
N ASP D 102 14.78 -6.07 -1.66
CA ASP D 102 15.81 -6.93 -1.09
C ASP D 102 16.04 -8.12 -2.02
N PHE D 103 16.96 -9.00 -1.64
CA PHE D 103 17.34 -10.10 -2.50
C PHE D 103 16.41 -11.29 -2.39
N GLU D 104 15.21 -11.05 -1.88
CA GLU D 104 14.17 -12.06 -1.82
C GLU D 104 12.93 -11.56 -2.52
N ASP D 105 13.01 -10.34 -3.04
CA ASP D 105 11.89 -9.70 -3.72
C ASP D 105 10.84 -9.21 -2.74
N ASN D 106 11.32 -8.71 -1.60
CA ASN D 106 10.49 -7.96 -0.66
C ASN D 106 10.46 -6.47 -1.01
N TYR D 107 9.40 -6.01 -1.65
CA TYR D 107 9.22 -4.60 -1.95
C TYR D 107 9.19 -3.76 -0.67
N GLN D 108 9.71 -2.54 -0.76
CA GLN D 108 9.69 -1.59 0.34
C GLN D 108 9.87 -0.20 -0.24
N PHE D 109 9.10 0.75 0.27
CA PHE D 109 9.08 2.09 -0.31
C PHE D 109 9.04 3.17 0.76
N ALA D 110 9.03 4.42 0.30
CA ALA D 110 8.96 5.59 1.17
C ALA D 110 8.51 6.82 0.37
N LYS D 111 7.34 7.37 0.72
CA LYS D 111 6.84 8.58 0.06
C LYS D 111 7.16 9.83 0.87
N TYR D 112 7.35 10.94 0.15
CA TYR D 112 7.65 12.23 0.78
C TYR D 112 6.83 13.33 0.12
N ARG D 113 6.35 14.27 0.92
CA ARG D 113 5.43 15.32 0.45
C ARG D 113 5.98 16.13 -0.71
N SER D 114 7.18 16.69 -0.54
CA SER D 114 7.81 17.47 -1.58
C SER D 114 9.27 17.06 -1.70
N PHE D 115 9.91 17.51 -2.77
CA PHE D 115 11.30 17.19 -3.03
C PHE D 115 11.86 18.16 -4.05
N LYS D 116 12.94 18.83 -3.71
CA LYS D 116 13.63 19.65 -4.70
C LYS D 116 15.11 19.70 -4.36
N VAL D 117 15.92 20.13 -5.32
CA VAL D 117 17.33 20.34 -5.06
C VAL D 117 17.77 21.71 -5.61
N ALA D 118 18.48 22.45 -4.77
CA ALA D 118 18.96 23.77 -5.13
C ALA D 118 19.97 23.62 -6.28
N ASP D 119 20.17 24.67 -7.08
CA ASP D 119 21.20 24.59 -8.13
C ASP D 119 22.62 24.39 -7.54
N GLU D 120 23.64 24.43 -8.40
CA GLU D 120 25.01 24.13 -7.97
C GLU D 120 25.62 25.21 -7.07
N ALA D 121 25.23 26.46 -7.29
CA ALA D 121 25.58 27.51 -6.36
C ALA D 121 25.14 27.07 -4.95
N GLU D 122 23.88 26.68 -4.83
CA GLU D 122 23.32 26.23 -3.56
C GLU D 122 23.77 24.78 -3.21
N LYS D 123 24.75 24.27 -3.97
CA LYS D 123 25.33 22.97 -3.65
C LYS D 123 24.33 21.80 -3.73
N TYR D 124 23.30 21.98 -4.56
CA TYR D 124 22.25 20.96 -4.76
C TYR D 124 21.59 20.61 -3.45
N ASN D 125 21.38 21.64 -2.64
CA ASN D 125 20.77 21.51 -1.32
C ASN D 125 19.43 20.76 -1.32
N LEU D 126 19.35 19.73 -0.49
CA LEU D 126 18.16 18.89 -0.32
C LEU D 126 17.06 19.61 0.43
N VAL D 127 15.93 19.83 -0.24
CA VAL D 127 14.75 20.43 0.39
C VAL D 127 13.57 19.46 0.32
N LEU D 128 13.35 18.78 1.43
CA LEU D 128 12.47 17.62 1.48
C LEU D 128 11.21 17.88 2.32
N GLY D 129 10.05 17.67 1.70
CA GLY D 129 8.78 17.71 2.43
C GLY D 129 8.72 16.63 3.51
N ALA D 130 7.56 16.51 4.15
CA ALA D 130 7.40 15.53 5.23
C ALA D 130 7.16 14.11 4.70
N PHE D 131 7.70 13.12 5.40
CA PHE D 131 7.44 11.73 5.08
C PHE D 131 5.94 11.48 5.05
N VAL D 132 5.43 11.13 3.87
CA VAL D 132 4.02 10.80 3.73
C VAL D 132 3.72 9.42 4.34
N GLU D 133 4.47 8.41 3.90
CA GLU D 133 4.27 7.03 4.36
C GLU D 133 5.21 6.09 3.60
N GLY D 134 5.23 4.82 4.01
CA GLY D 134 6.11 3.85 3.37
C GLY D 134 6.67 2.81 4.33
N SER D 135 6.60 1.55 3.91
CA SER D 135 7.09 0.43 4.72
C SER D 135 8.61 0.43 4.93
N ALA D 136 9.33 1.38 4.32
CA ALA D 136 10.78 1.45 4.49
C ALA D 136 11.16 2.38 5.63
N GLY D 137 10.19 3.15 6.10
CA GLY D 137 10.43 4.11 7.18
C GLY D 137 11.14 5.33 6.66
N ASP D 138 11.33 6.33 7.51
CA ASP D 138 12.01 7.54 7.09
C ASP D 138 13.53 7.39 7.29
N SER D 139 14.24 7.23 6.19
CA SER D 139 15.69 7.32 6.24
C SER D 139 16.19 8.43 5.32
N LEU D 140 15.38 9.46 5.12
CA LEU D 140 15.79 10.61 4.30
C LEU D 140 15.63 12.01 4.95
N THR D 141 14.68 12.16 5.86
CA THR D 141 14.50 13.43 6.58
C THR D 141 15.79 13.91 7.27
N PHE D 142 16.49 12.96 7.91
CA PHE D 142 17.79 13.20 8.55
C PHE D 142 18.71 14.07 7.70
N HIS D 143 18.56 14.00 6.38
CA HIS D 143 19.47 14.69 5.46
C HIS D 143 18.95 16.01 4.93
N ASN D 144 17.69 16.33 5.24
CA ASN D 144 17.10 17.60 4.80
C ASN D 144 18.00 18.81 5.10
N ASN D 145 18.01 19.77 4.20
CA ASN D 145 18.75 21.02 4.43
C ASN D 145 20.26 20.80 4.44
N GLN D 146 20.69 19.63 3.96
CA GLN D 146 22.12 19.33 3.83
C GLN D 146 22.59 19.40 2.37
N SER D 147 23.82 19.85 2.18
CA SER D 147 24.41 19.88 0.85
C SER D 147 24.71 18.48 0.35
N PHE D 148 25.01 18.38 -0.93
CA PHE D 148 25.35 17.11 -1.55
C PHE D 148 26.88 16.95 -1.58
N SER D 149 27.35 15.76 -1.22
CA SER D 149 28.80 15.52 -1.15
C SER D 149 29.25 14.39 -2.07
N THR D 150 30.50 14.51 -2.55
CA THR D 150 31.13 13.50 -3.37
C THR D 150 32.55 13.32 -2.89
N LYS D 151 33.14 12.16 -3.13
CA LYS D 151 34.49 11.85 -2.63
C LYS D 151 35.45 13.03 -2.79
N ASP D 152 35.28 13.80 -3.85
CA ASP D 152 36.17 14.93 -4.13
C ASP D 152 35.48 16.26 -3.85
N GLN D 153 34.52 16.24 -2.92
CA GLN D 153 33.78 17.45 -2.56
C GLN D 153 33.06 17.32 -1.23
N ASP D 154 33.81 17.56 -0.14
CA ASP D 154 33.31 17.39 1.22
C ASP D 154 32.53 18.62 1.70
N ASN D 155 31.24 18.45 1.95
CA ASN D 155 30.40 19.51 2.49
C ASN D 155 29.54 18.96 3.60
N ASP D 156 29.89 17.77 4.08
CA ASP D 156 29.14 17.10 5.12
C ASP D 156 29.35 17.76 6.50
N LEU D 157 28.74 17.17 7.53
CA LEU D 157 28.93 17.67 8.89
C LEU D 157 29.70 16.62 9.68
N ASN D 158 30.94 16.42 9.27
CA ASN D 158 31.80 15.42 9.87
C ASN D 158 33.23 15.76 9.46
N THR D 159 34.12 15.84 10.46
CA THR D 159 35.54 16.18 10.23
C THR D 159 36.17 15.40 9.07
N GLY D 160 36.00 14.07 9.09
CA GLY D 160 36.45 13.20 8.00
C GLY D 160 35.50 13.22 6.81
N ASN D 161 35.57 12.20 5.97
CA ASN D 161 34.77 12.16 4.73
C ASN D 161 33.75 11.04 4.68
N CYS D 162 32.50 11.38 4.95
CA CYS D 162 31.40 10.42 4.84
C CYS D 162 31.41 9.74 3.47
N ALA D 163 31.36 10.55 2.42
CA ALA D 163 31.40 10.05 1.04
C ALA D 163 32.44 8.94 0.91
N VAL D 164 33.67 9.24 1.33
CA VAL D 164 34.79 8.33 1.21
C VAL D 164 34.67 7.14 2.16
N MET D 165 34.14 7.41 3.35
CA MET D 165 34.05 6.39 4.39
C MET D 165 33.03 5.36 4.00
N PHE D 166 31.95 5.80 3.37
CA PHE D 166 30.84 4.92 3.03
C PHE D 166 30.67 4.70 1.53
N GLN D 167 31.74 4.94 0.78
CA GLN D 167 31.83 4.69 -0.65
C GLN D 167 30.51 4.91 -1.38
N GLY D 168 30.12 6.18 -1.46
CA GLY D 168 28.89 6.59 -2.13
C GLY D 168 28.88 8.09 -2.28
N ALA D 169 27.72 8.66 -2.61
CA ALA D 169 27.55 10.10 -2.70
C ALA D 169 26.11 10.45 -2.35
N TRP D 170 25.92 11.43 -1.49
CA TRP D 170 24.62 11.68 -0.85
C TRP D 170 24.62 13.03 -0.14
N TRP D 171 23.49 13.44 0.41
CA TRP D 171 23.44 14.66 1.24
C TRP D 171 23.85 14.32 2.67
N TYR D 172 25.14 14.03 2.84
CA TYR D 172 25.65 13.46 4.08
C TYR D 172 25.63 14.47 5.23
N LYS D 173 25.56 13.97 6.46
CA LYS D 173 25.68 14.81 7.64
C LYS D 173 26.74 14.24 8.59
N ASN D 174 26.33 13.33 9.46
CA ASN D 174 27.30 12.74 10.39
C ASN D 174 26.95 11.31 10.83
N CYS D 175 26.78 10.41 9.87
CA CYS D 175 26.88 10.77 8.44
C CYS D 175 25.60 10.51 7.65
N HIS D 176 25.02 9.32 7.78
CA HIS D 176 23.86 9.00 6.97
C HIS D 176 22.94 7.98 7.61
N THR D 177 21.67 8.05 7.25
CA THR D 177 20.71 7.04 7.63
C THR D 177 20.27 6.31 6.35
N SER D 178 20.47 6.99 5.21
CA SER D 178 20.30 6.37 3.89
C SER D 178 21.56 6.57 3.04
N ASN D 179 21.87 5.59 2.18
CA ASN D 179 23.10 5.62 1.39
C ASN D 179 22.90 4.94 0.04
N LEU D 180 21.86 5.36 -0.68
CA LEU D 180 21.39 4.65 -1.86
C LEU D 180 22.40 4.64 -3.02
N ASN D 181 23.37 5.54 -2.97
CA ASN D 181 24.45 5.57 -3.96
C ASN D 181 25.68 4.79 -3.50
N GLY D 182 25.50 3.97 -2.47
CA GLY D 182 26.59 3.16 -1.93
C GLY D 182 26.96 1.99 -2.84
N ARG D 183 27.82 1.12 -2.33
CA ARG D 183 28.35 0.04 -3.14
C ARG D 183 27.34 -1.08 -3.29
N TYR D 184 27.30 -1.69 -4.46
CA TYR D 184 26.37 -2.76 -4.72
C TYR D 184 26.89 -4.05 -4.09
N LEU D 185 26.63 -4.20 -2.79
CA LEU D 185 27.28 -5.27 -2.01
C LEU D 185 26.50 -6.58 -1.90
N ARG D 186 25.21 -6.57 -2.29
CA ARG D 186 24.43 -7.81 -2.42
C ARG D 186 24.02 -8.48 -1.10
N GLY D 187 22.97 -7.96 -0.46
CA GLY D 187 22.43 -8.57 0.77
C GLY D 187 23.18 -8.18 2.02
N THR D 188 23.27 -9.09 2.99
CA THR D 188 23.93 -8.75 4.25
C THR D 188 25.43 -8.62 4.01
N HIS D 189 26.04 -7.60 4.59
CA HIS D 189 27.48 -7.38 4.44
C HIS D 189 28.17 -6.99 5.76
N GLY D 190 29.40 -7.48 5.94
CA GLY D 190 30.21 -7.13 7.11
C GLY D 190 30.53 -5.64 7.20
N SER D 191 31.20 -5.10 6.18
CA SER D 191 31.55 -3.68 6.16
C SER D 191 30.36 -2.84 6.63
N PHE D 192 30.66 -1.73 7.30
CA PHE D 192 29.63 -0.94 7.97
C PHE D 192 29.03 0.19 7.11
N ALA D 193 27.74 0.07 6.81
CA ALA D 193 26.96 1.17 6.23
C ALA D 193 27.50 1.73 4.90
N ASN D 194 28.11 0.87 4.07
CA ASN D 194 28.71 1.32 2.82
C ASN D 194 28.08 0.62 1.63
N GLY D 195 26.98 -0.10 1.89
CA GLY D 195 26.20 -0.72 0.82
C GLY D 195 25.06 0.20 0.39
N ILE D 196 24.12 -0.36 -0.37
CA ILE D 196 22.92 0.36 -0.74
C ILE D 196 22.00 0.28 0.46
N ASN D 197 22.22 1.18 1.43
CA ASN D 197 21.60 1.03 2.75
C ASN D 197 20.53 2.04 3.12
N TRP D 198 19.43 1.51 3.62
CA TRP D 198 18.33 2.30 4.15
C TRP D 198 18.13 1.90 5.63
N LYS D 199 18.55 2.77 6.54
CA LYS D 199 18.59 2.48 7.98
C LYS D 199 17.31 1.84 8.49
N SER D 200 16.24 2.62 8.52
CA SER D 200 14.94 2.10 8.96
C SER D 200 14.45 0.92 8.11
N GLY D 201 15.11 0.67 6.99
CA GLY D 201 14.69 -0.39 6.07
C GLY D 201 15.20 -1.77 6.44
N LYS D 202 16.50 -2.00 6.23
CA LYS D 202 17.12 -3.28 6.58
C LYS D 202 18.46 -3.09 7.25
N GLY D 203 18.67 -1.90 7.79
CA GLY D 203 19.84 -1.62 8.60
C GLY D 203 21.08 -1.33 7.79
N TYR D 204 22.16 -1.00 8.51
CA TYR D 204 23.44 -0.60 7.93
C TYR D 204 24.24 -1.78 7.41
N ASN D 205 23.69 -2.99 7.52
CA ASN D 205 24.42 -4.19 7.11
C ASN D 205 23.69 -5.00 6.04
N TYR D 206 22.81 -4.34 5.29
CA TYR D 206 22.11 -5.00 4.20
C TYR D 206 22.06 -4.09 2.99
N SER D 207 22.46 -4.63 1.84
CA SER D 207 22.50 -3.89 0.61
C SER D 207 21.41 -4.41 -0.34
N TYR D 208 20.38 -3.59 -0.58
CA TYR D 208 19.24 -3.98 -1.42
C TYR D 208 19.62 -4.43 -2.82
N LYS D 209 18.79 -5.28 -3.42
CA LYS D 209 18.98 -5.68 -4.81
C LYS D 209 18.66 -4.53 -5.77
N VAL D 210 17.69 -3.71 -5.38
CA VAL D 210 17.13 -2.72 -6.29
C VAL D 210 16.82 -1.43 -5.53
N SER D 211 17.00 -0.31 -6.22
CA SER D 211 16.72 0.98 -5.64
C SER D 211 16.36 1.94 -6.75
N GLU D 212 15.31 2.72 -6.53
CA GLU D 212 14.85 3.68 -7.53
C GLU D 212 14.31 4.90 -6.84
N MET D 213 14.84 6.06 -7.20
CA MET D 213 14.36 7.31 -6.68
C MET D 213 13.68 8.03 -7.83
N LYS D 214 12.42 8.38 -7.64
CA LYS D 214 11.62 9.00 -8.71
C LYS D 214 10.71 10.14 -8.21
N VAL D 215 10.32 11.03 -9.12
CA VAL D 215 9.48 12.17 -8.78
C VAL D 215 8.26 12.32 -9.70
N ARG D 216 7.26 13.05 -9.21
CA ARG D 216 5.99 13.25 -9.92
C ARG D 216 5.27 14.47 -9.34
N PRO D 217 4.76 15.36 -10.20
CA PRO D 217 4.07 16.51 -9.64
C PRO D 217 2.76 16.08 -8.98
N ALA D 218 2.55 16.51 -7.74
CA ALA D 218 1.24 16.30 -7.09
C ALA D 218 0.24 17.37 -7.57
N ASN E 1 17.98 19.08 -44.71
CA ASN E 1 18.96 19.76 -43.82
C ASN E 1 19.49 18.88 -42.67
N PRO E 2 18.65 17.99 -42.11
CA PRO E 2 19.05 17.24 -40.91
C PRO E 2 20.32 16.40 -41.06
N CYS E 3 20.63 15.92 -42.27
CA CYS E 3 21.93 15.28 -42.48
C CYS E 3 23.00 16.26 -42.05
N LEU E 4 22.80 17.54 -42.40
CA LEU E 4 23.81 18.56 -42.16
C LEU E 4 23.88 19.07 -40.72
N THR E 5 22.73 19.18 -40.06
CA THR E 5 22.69 19.73 -38.70
C THR E 5 22.84 18.69 -37.58
N GLY E 6 22.73 17.41 -37.91
CA GLY E 6 22.79 16.34 -36.92
C GLY E 6 24.21 15.91 -36.52
N PRO E 7 24.32 15.10 -35.45
CA PRO E 7 25.61 14.64 -34.95
C PRO E 7 26.20 13.52 -35.79
N ARG E 8 27.51 13.52 -35.97
CA ARG E 8 28.17 12.52 -36.82
C ARG E 8 28.62 11.28 -36.06
N THR E 9 28.91 11.44 -34.77
CA THR E 9 29.45 10.35 -33.96
C THR E 9 28.86 10.39 -32.56
N CYS E 10 29.11 9.34 -31.78
CA CYS E 10 28.74 9.33 -30.37
C CYS E 10 29.53 10.39 -29.57
N LYS E 11 30.74 10.68 -30.03
CA LYS E 11 31.53 11.77 -29.47
C LYS E 11 30.86 13.14 -29.62
N ASP E 12 30.32 13.41 -30.82
CA ASP E 12 29.60 14.66 -31.04
C ASP E 12 28.50 14.80 -30.01
N LEU E 13 27.78 13.71 -29.77
CA LEU E 13 26.65 13.73 -28.85
C LEU E 13 27.09 14.01 -27.42
N LEU E 14 28.27 13.54 -27.06
CA LEU E 14 28.77 13.76 -25.71
C LEU E 14 29.01 15.25 -25.57
N ASP E 15 29.61 15.82 -26.61
CA ASP E 15 29.95 17.24 -26.64
C ASP E 15 28.71 18.10 -26.49
N ARG E 16 27.61 17.67 -27.12
CA ARG E 16 26.35 18.41 -27.11
C ARG E 16 25.54 18.19 -25.83
N GLY E 17 26.11 17.48 -24.87
CA GLY E 17 25.44 17.28 -23.58
C GLY E 17 24.52 16.08 -23.36
N HIS E 18 24.77 14.97 -24.04
CA HIS E 18 24.14 13.71 -23.68
C HIS E 18 25.11 12.89 -22.85
N PHE E 19 24.83 12.69 -21.57
CA PHE E 19 25.78 12.03 -20.67
C PHE E 19 25.33 10.64 -20.23
N LEU E 20 24.17 10.21 -20.71
CA LEU E 20 23.70 8.87 -20.45
C LEU E 20 23.98 7.94 -21.63
N SER E 21 24.46 6.72 -21.33
CA SER E 21 24.61 5.71 -22.36
C SER E 21 23.24 5.35 -22.91
N GLY E 22 23.15 5.10 -24.22
CA GLY E 22 21.90 4.67 -24.84
C GLY E 22 21.95 4.76 -26.35
N TRP E 23 20.84 4.45 -26.99
CA TRP E 23 20.78 4.49 -28.46
C TRP E 23 20.39 5.88 -28.96
N HIS E 24 21.31 6.51 -29.69
CA HIS E 24 21.02 7.79 -30.34
C HIS E 24 21.20 7.58 -31.81
N THR E 25 20.54 8.39 -32.60
CA THR E 25 20.73 8.28 -34.03
C THR E 25 21.76 9.30 -34.54
N ILE E 26 22.73 8.82 -35.30
CA ILE E 26 23.76 9.65 -35.87
C ILE E 26 23.66 9.67 -37.39
N TYR E 27 24.49 10.48 -38.03
CA TYR E 27 24.49 10.58 -39.48
C TYR E 27 25.83 10.20 -40.08
N LEU E 28 25.81 9.21 -40.96
CA LEU E 28 27.03 8.74 -41.60
C LEU E 28 27.42 9.66 -42.74
N PRO E 29 28.68 9.55 -43.21
CA PRO E 29 29.17 10.31 -44.37
C PRO E 29 28.19 10.33 -45.56
N ASP E 30 27.77 9.16 -46.05
CA ASP E 30 26.81 9.13 -47.16
C ASP E 30 25.54 9.93 -46.85
N CYS E 31 25.48 10.53 -45.66
CA CYS E 31 24.31 11.28 -45.18
C CYS E 31 23.23 10.39 -44.56
N ARG E 32 23.47 9.09 -44.57
CA ARG E 32 22.48 8.14 -44.11
C ARG E 32 22.41 8.06 -42.56
N PRO E 33 21.19 8.15 -42.02
CA PRO E 33 20.98 8.02 -40.57
C PRO E 33 21.09 6.58 -40.04
N LEU E 34 21.62 6.45 -38.83
CA LEU E 34 21.80 5.17 -38.17
C LEU E 34 21.60 5.37 -36.68
N THR E 35 20.90 4.43 -36.05
CA THR E 35 20.74 4.44 -34.60
C THR E 35 21.79 3.53 -33.94
N VAL E 36 22.67 4.10 -33.13
CA VAL E 36 23.76 3.34 -32.54
C VAL E 36 23.71 3.46 -31.03
N LEU E 37 24.45 2.59 -30.34
CA LEU E 37 24.54 2.63 -28.90
C LEU E 37 25.75 3.45 -28.54
N CYS E 38 25.57 4.53 -27.79
CA CYS E 38 26.70 5.30 -27.30
C CYS E 38 27.04 4.96 -25.86
N ASP E 39 28.28 4.56 -25.61
CA ASP E 39 28.78 4.39 -24.26
C ASP E 39 29.40 5.72 -23.81
N MET E 40 28.74 6.42 -22.90
CA MET E 40 29.20 7.72 -22.40
C MET E 40 29.87 7.59 -21.04
N ASP E 41 30.03 6.35 -20.59
CA ASP E 41 30.36 6.07 -19.21
C ASP E 41 31.81 5.70 -19.11
N THR E 42 32.26 4.85 -20.02
CA THR E 42 33.58 4.23 -19.96
C THR E 42 34.73 5.09 -20.49
N ASP E 43 35.82 5.15 -19.72
CA ASP E 43 37.07 5.75 -20.18
C ASP E 43 36.79 7.04 -20.96
N GLY E 44 36.08 7.97 -20.32
CA GLY E 44 35.83 9.28 -20.91
C GLY E 44 34.53 9.45 -21.67
N GLY E 45 34.01 8.36 -22.22
CA GLY E 45 32.76 8.42 -22.96
C GLY E 45 32.87 8.86 -24.41
N GLY E 46 31.77 8.77 -25.15
CA GLY E 46 31.77 9.15 -26.56
C GLY E 46 32.10 8.02 -27.52
N TRP E 47 31.96 6.79 -27.02
CA TRP E 47 32.22 5.60 -27.82
C TRP E 47 30.98 5.16 -28.58
N THR E 48 31.15 4.79 -29.85
CA THR E 48 30.10 4.12 -30.60
C THR E 48 30.34 2.59 -30.54
N VAL E 49 29.36 1.87 -30.00
CA VAL E 49 29.51 0.43 -29.74
C VAL E 49 28.98 -0.37 -30.93
N PHE E 50 29.74 -1.34 -31.43
CA PHE E 50 29.33 -2.10 -32.62
C PHE E 50 29.16 -3.61 -32.38
N GLN E 51 29.53 -4.07 -31.20
CA GLN E 51 29.33 -5.46 -30.81
C GLN E 51 29.07 -5.54 -29.32
N ARG E 52 28.13 -6.41 -28.93
CA ARG E 52 27.80 -6.58 -27.53
C ARG E 52 27.24 -7.97 -27.22
N ARG E 53 27.93 -8.71 -26.36
CA ARG E 53 27.40 -9.97 -25.81
C ARG E 53 27.13 -9.74 -24.33
N VAL E 54 26.08 -10.37 -23.79
CA VAL E 54 25.75 -10.09 -22.40
C VAL E 54 25.05 -11.24 -21.67
N ASP E 55 24.17 -11.98 -22.36
CA ASP E 55 23.39 -13.03 -21.70
C ASP E 55 23.23 -14.33 -22.52
N GLY E 56 23.77 -14.33 -23.74
CA GLY E 56 23.63 -15.48 -24.61
C GLY E 56 22.25 -15.58 -25.24
N SER E 57 21.54 -14.47 -25.29
CA SER E 57 20.18 -14.48 -25.84
C SER E 57 20.18 -14.53 -27.37
N VAL E 58 21.19 -13.93 -28.00
CA VAL E 58 21.25 -13.92 -29.45
C VAL E 58 22.29 -14.91 -29.99
N ASP E 59 21.90 -15.66 -31.01
CA ASP E 59 22.78 -16.60 -31.67
C ASP E 59 23.74 -15.84 -32.61
N PHE E 60 25.04 -16.04 -32.43
CA PHE E 60 26.02 -15.28 -33.18
C PHE E 60 26.68 -16.08 -34.29
N TYR E 61 26.15 -17.26 -34.54
CA TYR E 61 26.70 -18.15 -35.55
C TYR E 61 26.02 -17.92 -36.90
N ARG E 62 26.21 -16.73 -37.48
CA ARG E 62 25.46 -16.32 -38.67
C ARG E 62 26.28 -16.22 -39.94
N ASP E 63 25.57 -16.14 -41.08
CA ASP E 63 26.20 -16.09 -42.40
C ASP E 63 26.67 -14.70 -42.81
N TRP E 64 27.37 -14.64 -43.93
CA TRP E 64 27.91 -13.39 -44.46
C TRP E 64 26.87 -12.26 -44.59
N ALA E 65 25.78 -12.55 -45.28
CA ALA E 65 24.68 -11.59 -45.49
C ALA E 65 24.27 -10.91 -44.20
N THR E 66 24.08 -11.72 -43.16
CA THR E 66 23.63 -11.23 -41.86
C THR E 66 24.70 -10.38 -41.17
N TYR E 67 25.94 -10.86 -41.15
CA TYR E 67 27.01 -10.06 -40.56
C TYR E 67 27.19 -8.75 -41.28
N LYS E 68 26.91 -8.77 -42.58
CA LYS E 68 27.03 -7.59 -43.42
C LYS E 68 26.07 -6.48 -42.98
N GLN E 69 24.83 -6.84 -42.73
CA GLN E 69 23.78 -5.85 -42.58
C GLN E 69 23.47 -5.52 -41.13
N GLY E 70 23.92 -6.37 -40.21
CA GLY E 70 23.66 -6.18 -38.79
C GLY E 70 22.51 -7.05 -38.31
N PHE E 71 22.56 -7.46 -37.06
CA PHE E 71 21.55 -8.35 -36.48
C PHE E 71 21.59 -8.28 -34.95
N GLY E 72 20.49 -8.70 -34.33
CA GLY E 72 20.40 -8.63 -32.86
C GLY E 72 19.35 -7.65 -32.38
N SER E 73 19.54 -7.09 -31.21
CA SER E 73 18.49 -6.33 -30.57
C SER E 73 19.06 -5.21 -29.72
N ARG E 74 18.56 -4.00 -29.93
CA ARG E 74 19.00 -2.88 -29.11
C ARG E 74 18.75 -3.17 -27.64
N LEU E 75 17.86 -4.13 -27.39
CA LEU E 75 17.51 -4.54 -26.05
C LEU E 75 18.55 -5.42 -25.40
N GLY E 76 19.41 -6.04 -26.20
CA GLY E 76 20.40 -6.96 -25.64
C GLY E 76 21.65 -7.08 -26.46
N GLU E 77 21.78 -8.21 -27.15
CA GLU E 77 23.00 -8.49 -27.87
C GLU E 77 22.83 -8.07 -29.31
N PHE E 78 23.93 -7.73 -29.96
CA PHE E 78 23.87 -7.28 -31.35
C PHE E 78 25.24 -7.13 -32.01
N TRP E 79 25.21 -7.05 -33.34
CA TRP E 79 26.36 -6.73 -34.14
C TRP E 79 25.89 -5.67 -35.11
N LEU E 80 26.55 -4.51 -35.11
CA LEU E 80 26.01 -3.36 -35.85
C LEU E 80 25.91 -3.63 -37.35
N GLY E 81 26.78 -4.50 -37.86
CA GLY E 81 26.81 -4.80 -39.29
C GLY E 81 28.05 -4.26 -39.97
N ASN E 82 28.58 -5.03 -40.90
CA ASN E 82 29.86 -4.71 -41.48
C ASN E 82 29.88 -3.44 -42.35
N ASP E 83 28.79 -3.16 -43.05
CA ASP E 83 28.69 -1.94 -43.86
C ASP E 83 28.70 -0.69 -42.99
N ASN E 84 27.89 -0.70 -41.94
CA ASN E 84 27.90 0.40 -40.99
C ASN E 84 29.27 0.53 -40.34
N ILE E 85 29.84 -0.59 -39.91
CA ILE E 85 31.10 -0.52 -39.20
C ILE E 85 32.16 0.08 -40.11
N HIS E 86 32.09 -0.25 -41.40
CA HIS E 86 32.99 0.37 -42.37
C HIS E 86 32.69 1.86 -42.52
N ALA E 87 31.43 2.23 -42.68
CA ALA E 87 31.06 3.65 -42.81
C ALA E 87 31.48 4.47 -41.60
N LEU E 88 31.48 3.85 -40.43
CA LEU E 88 31.85 4.53 -39.21
C LEU E 88 33.32 4.85 -39.19
N THR E 89 34.12 4.04 -39.88
CA THR E 89 35.56 4.10 -39.73
C THR E 89 36.32 4.53 -40.99
N ALA E 90 35.61 4.77 -42.08
CA ALA E 90 36.25 5.11 -43.35
C ALA E 90 36.83 6.52 -43.36
N GLN E 91 36.13 7.45 -42.73
CA GLN E 91 36.49 8.84 -42.82
C GLN E 91 37.17 9.33 -41.55
N GLY E 92 38.42 8.95 -41.36
CA GLY E 92 39.20 9.50 -40.24
C GLY E 92 39.88 8.49 -39.34
N THR E 93 40.36 8.95 -38.20
CA THR E 93 41.04 8.09 -37.23
C THR E 93 40.17 7.80 -36.01
N SER E 94 39.98 6.53 -35.70
CA SER E 94 39.06 6.14 -34.65
C SER E 94 39.72 5.08 -33.77
N GLU E 95 39.78 5.31 -32.46
CA GLU E 95 40.38 4.31 -31.58
C GLU E 95 39.36 3.24 -31.23
N LEU E 96 39.84 2.06 -30.84
CA LEU E 96 38.98 0.94 -30.50
C LEU E 96 39.22 0.45 -29.08
N ARG E 97 38.14 0.20 -28.36
CA ARG E 97 38.24 -0.34 -27.02
C ARG E 97 37.48 -1.66 -26.89
N THR E 98 38.11 -2.68 -26.32
CA THR E 98 37.43 -3.94 -26.03
C THR E 98 37.21 -4.07 -24.53
N ASP E 99 35.96 -4.22 -24.12
CA ASP E 99 35.60 -4.33 -22.71
C ASP E 99 35.12 -5.74 -22.42
N LEU E 100 35.67 -6.37 -21.39
CA LEU E 100 35.28 -7.74 -21.04
C LEU E 100 34.91 -7.91 -19.58
N VAL E 101 33.92 -8.76 -19.30
CA VAL E 101 33.61 -9.15 -17.93
C VAL E 101 33.40 -10.66 -17.85
N ASP E 102 34.11 -11.32 -16.93
CA ASP E 102 33.90 -12.76 -16.66
C ASP E 102 32.79 -13.02 -15.63
N PHE E 103 32.64 -14.27 -15.19
CA PHE E 103 31.48 -14.63 -14.37
C PHE E 103 31.67 -14.40 -12.87
N GLU E 104 32.89 -14.01 -12.48
CA GLU E 104 33.17 -13.60 -11.11
C GLU E 104 33.24 -12.09 -11.06
N ASP E 105 32.75 -11.47 -12.13
CA ASP E 105 32.62 -10.03 -12.23
C ASP E 105 33.93 -9.24 -12.30
N ASN E 106 34.98 -9.90 -12.79
CA ASN E 106 36.23 -9.21 -13.12
C ASN E 106 36.08 -8.46 -14.43
N TYR E 107 36.55 -7.22 -14.46
CA TYR E 107 36.50 -6.39 -15.65
C TYR E 107 37.89 -6.32 -16.28
N GLN E 108 37.98 -6.57 -17.58
CA GLN E 108 39.23 -6.36 -18.30
C GLN E 108 38.91 -5.54 -19.53
N PHE E 109 39.95 -4.96 -20.13
CA PHE E 109 39.76 -4.19 -21.35
C PHE E 109 41.02 -4.28 -22.21
N ALA E 110 40.93 -3.83 -23.45
CA ALA E 110 42.09 -3.66 -24.32
C ALA E 110 41.81 -2.53 -25.31
N LYS E 111 42.81 -1.68 -25.51
CA LYS E 111 42.64 -0.49 -26.33
C LYS E 111 43.67 -0.48 -27.46
N TYR E 112 43.30 0.08 -28.60
CA TYR E 112 44.15 0.03 -29.79
C TYR E 112 44.25 1.39 -30.52
N ARG E 113 45.46 1.75 -30.94
CA ARG E 113 45.75 3.08 -31.48
C ARG E 113 44.74 3.53 -32.54
N SER E 114 44.49 2.67 -33.52
CA SER E 114 43.45 2.93 -34.52
C SER E 114 42.78 1.65 -34.98
N PHE E 115 41.69 1.82 -35.73
CA PHE E 115 40.81 0.72 -36.09
C PHE E 115 39.94 1.12 -37.27
N LYS E 116 39.99 0.31 -38.31
CA LYS E 116 39.32 0.61 -39.57
C LYS E 116 39.04 -0.73 -40.21
N VAL E 117 37.85 -0.89 -40.78
CA VAL E 117 37.59 -2.07 -41.60
C VAL E 117 37.17 -1.61 -43.00
N ALA E 118 37.72 -2.28 -44.01
CA ALA E 118 37.51 -1.89 -45.39
C ALA E 118 36.09 -2.22 -45.85
N ASP E 119 35.73 -1.84 -47.07
CA ASP E 119 34.39 -2.20 -47.58
C ASP E 119 34.28 -3.68 -47.92
N GLU E 120 33.12 -4.10 -48.40
CA GLU E 120 32.87 -5.51 -48.67
C GLU E 120 33.74 -6.03 -49.80
N ALA E 121 34.06 -5.14 -50.73
CA ALA E 121 34.93 -5.46 -51.85
C ALA E 121 36.28 -5.95 -51.32
N GLU E 122 36.75 -5.33 -50.24
CA GLU E 122 37.98 -5.76 -49.61
C GLU E 122 37.71 -6.75 -48.48
N LYS E 123 36.51 -7.33 -48.48
CA LYS E 123 36.08 -8.32 -47.48
C LYS E 123 36.25 -7.82 -46.04
N TYR E 124 35.89 -6.56 -45.81
CA TYR E 124 35.96 -5.95 -44.47
C TYR E 124 37.28 -6.23 -43.75
N ASN E 125 38.36 -6.14 -44.52
CA ASN E 125 39.71 -6.33 -44.04
C ASN E 125 39.94 -5.45 -42.83
N LEU E 126 40.59 -5.99 -41.81
CA LEU E 126 40.90 -5.23 -40.60
C LEU E 126 42.23 -4.47 -40.70
N VAL E 127 42.17 -3.15 -40.50
CA VAL E 127 43.36 -2.34 -40.40
C VAL E 127 43.52 -1.91 -38.96
N LEU E 128 44.40 -2.59 -38.23
CA LEU E 128 44.52 -2.32 -36.79
C LEU E 128 45.81 -1.62 -36.41
N GLY E 129 45.66 -0.51 -35.71
CA GLY E 129 46.81 0.20 -35.19
C GLY E 129 47.39 -0.42 -33.93
N ALA E 130 48.46 0.20 -33.45
CA ALA E 130 49.18 -0.24 -32.25
C ALA E 130 48.30 -0.50 -31.02
N PHE E 131 48.70 -1.52 -30.27
CA PHE E 131 48.11 -1.77 -28.98
C PHE E 131 48.53 -0.67 -28.02
N VAL E 132 47.56 -0.07 -27.34
CA VAL E 132 47.83 0.98 -26.36
C VAL E 132 47.95 0.43 -24.92
N GLU E 133 46.92 -0.27 -24.46
CA GLU E 133 46.92 -0.79 -23.09
C GLU E 133 45.70 -1.67 -22.80
N GLY E 134 45.74 -2.41 -21.69
CA GLY E 134 44.59 -3.18 -21.22
C GLY E 134 44.90 -4.40 -20.37
N SER E 135 44.17 -4.52 -19.26
CA SER E 135 44.33 -5.68 -18.39
C SER E 135 43.95 -6.99 -19.09
N ALA E 136 43.38 -6.88 -20.30
CA ALA E 136 42.97 -8.08 -21.05
C ALA E 136 44.12 -8.58 -21.90
N GLY E 137 45.03 -7.69 -22.24
CA GLY E 137 46.19 -8.07 -23.02
C GLY E 137 45.86 -8.04 -24.49
N ASP E 138 46.89 -8.04 -25.31
CA ASP E 138 46.71 -7.98 -26.75
C ASP E 138 46.31 -9.32 -27.29
N SER E 139 45.10 -9.41 -27.83
CA SER E 139 44.66 -10.61 -28.51
C SER E 139 43.95 -10.21 -29.79
N LEU E 140 44.51 -9.23 -30.51
CA LEU E 140 43.89 -8.69 -31.73
C LEU E 140 44.91 -8.32 -32.81
N THR E 141 46.04 -7.73 -32.40
CA THR E 141 47.15 -7.49 -33.33
C THR E 141 47.40 -8.71 -34.25
N PHE E 142 47.34 -9.89 -33.65
CA PHE E 142 47.43 -11.15 -34.37
C PHE E 142 46.54 -11.10 -35.60
N HIS E 143 45.34 -10.57 -35.45
CA HIS E 143 44.32 -10.63 -36.48
C HIS E 143 44.40 -9.47 -37.46
N ASN E 144 45.38 -8.60 -37.28
CA ASN E 144 45.57 -7.45 -38.14
C ASN E 144 45.71 -7.84 -39.62
N ASN E 145 45.02 -7.12 -40.48
CA ASN E 145 45.13 -7.32 -41.92
C ASN E 145 44.56 -8.66 -42.40
N GLN E 146 43.52 -9.13 -41.72
CA GLN E 146 42.80 -10.32 -42.14
C GLN E 146 41.43 -9.94 -42.66
N SER E 147 40.89 -10.76 -43.56
CA SER E 147 39.57 -10.51 -44.05
C SER E 147 38.62 -10.97 -42.97
N PHE E 148 37.37 -10.56 -43.04
CA PHE E 148 36.38 -11.10 -42.14
C PHE E 148 35.94 -12.44 -42.73
N SER E 149 35.80 -13.46 -41.89
CA SER E 149 35.26 -14.75 -42.37
C SER E 149 34.03 -15.17 -41.59
N THR E 150 33.05 -15.74 -42.27
CA THR E 150 31.92 -16.38 -41.62
C THR E 150 31.84 -17.86 -42.03
N LYS E 151 30.89 -18.59 -41.45
CA LYS E 151 30.75 -20.02 -41.73
C LYS E 151 30.47 -20.34 -43.19
N ASP E 152 29.77 -19.44 -43.88
CA ASP E 152 29.35 -19.66 -45.26
C ASP E 152 30.25 -18.92 -46.24
N GLN E 153 31.19 -18.13 -45.73
CA GLN E 153 32.20 -17.53 -46.58
C GLN E 153 33.55 -17.52 -45.87
N ASP E 154 34.46 -18.35 -46.36
CA ASP E 154 35.74 -18.58 -45.71
C ASP E 154 36.87 -17.79 -46.37
N ASN E 155 37.39 -16.80 -45.65
CA ASN E 155 38.49 -15.99 -46.16
C ASN E 155 39.70 -15.99 -45.23
N ASP E 156 39.81 -17.03 -44.41
CA ASP E 156 40.90 -17.12 -43.44
C ASP E 156 42.18 -17.69 -44.06
N LEU E 157 43.19 -17.94 -43.23
CA LEU E 157 44.42 -18.53 -43.74
C LEU E 157 44.62 -19.94 -43.22
N ASN E 158 43.53 -20.57 -42.81
CA ASN E 158 43.58 -21.96 -42.36
C ASN E 158 43.09 -22.82 -43.51
N THR E 159 43.74 -23.95 -43.71
CA THR E 159 43.34 -24.87 -44.75
C THR E 159 41.90 -25.31 -44.54
N GLY E 160 41.43 -25.24 -43.29
CA GLY E 160 40.04 -25.56 -43.00
C GLY E 160 39.25 -24.30 -42.75
N ASN E 161 38.07 -24.42 -42.15
CA ASN E 161 37.21 -23.28 -41.89
C ASN E 161 37.19 -22.88 -40.41
N CYS E 162 37.89 -21.79 -40.09
CA CYS E 162 37.97 -21.27 -38.72
C CYS E 162 36.60 -20.98 -38.11
N ALA E 163 35.75 -20.32 -38.90
CA ALA E 163 34.42 -19.95 -38.43
C ALA E 163 33.67 -21.19 -37.93
N VAL E 164 33.67 -22.25 -38.74
CA VAL E 164 32.96 -23.48 -38.37
C VAL E 164 33.65 -24.13 -37.19
N MET E 165 34.96 -24.28 -37.29
CA MET E 165 35.75 -24.91 -36.23
C MET E 165 35.60 -24.26 -34.87
N PHE E 166 35.60 -22.95 -34.82
CA PHE E 166 35.55 -22.27 -33.55
C PHE E 166 34.21 -21.60 -33.33
N GLN E 167 33.26 -21.95 -34.21
CA GLN E 167 31.88 -21.59 -34.06
C GLN E 167 31.66 -20.13 -33.75
N GLY E 168 32.22 -19.27 -34.59
CA GLY E 168 32.04 -17.82 -34.49
C GLY E 168 32.12 -17.14 -35.85
N ALA E 169 32.64 -15.91 -35.85
CA ALA E 169 32.81 -15.09 -37.05
C ALA E 169 33.78 -13.99 -36.70
N TRP E 170 34.78 -13.76 -37.53
CA TRP E 170 35.91 -12.94 -37.13
C TRP E 170 36.89 -12.70 -38.26
N TRP E 171 37.91 -11.92 -37.98
CA TRP E 171 39.03 -11.73 -38.90
C TRP E 171 40.06 -12.81 -38.61
N TYR E 172 39.58 -14.05 -38.68
CA TYR E 172 40.38 -15.25 -38.46
C TYR E 172 41.61 -15.30 -39.35
N LYS E 173 42.74 -15.60 -38.74
CA LYS E 173 43.93 -15.92 -39.50
C LYS E 173 44.04 -17.43 -39.55
N ASN E 174 44.73 -18.03 -38.59
CA ASN E 174 44.92 -19.48 -38.64
C ASN E 174 45.12 -20.19 -37.30
N CYS E 175 44.13 -20.19 -36.42
CA CYS E 175 42.83 -19.56 -36.68
C CYS E 175 42.63 -18.27 -35.90
N HIS E 176 42.70 -18.35 -34.58
CA HIS E 176 42.41 -17.17 -33.81
C HIS E 176 43.07 -17.12 -32.47
N THR E 177 43.19 -15.91 -31.98
CA THR E 177 43.67 -15.67 -30.66
C THR E 177 42.61 -14.90 -29.87
N SER E 178 41.60 -14.39 -30.59
CA SER E 178 40.38 -13.88 -29.97
C SER E 178 39.14 -14.31 -30.77
N ASN E 179 38.02 -14.48 -30.07
CA ASN E 179 36.84 -15.06 -30.69
C ASN E 179 35.59 -14.48 -30.08
N LEU E 180 35.45 -13.16 -30.13
CA LEU E 180 34.38 -12.49 -29.37
C LEU E 180 32.97 -12.75 -29.91
N ASN E 181 32.87 -13.34 -31.10
CA ASN E 181 31.58 -13.73 -31.66
C ASN E 181 31.32 -15.25 -31.57
N GLY E 182 32.05 -15.92 -30.66
CA GLY E 182 31.88 -17.35 -30.42
C GLY E 182 30.60 -17.70 -29.65
N ARG E 183 30.45 -18.97 -29.27
CA ARG E 183 29.27 -19.43 -28.53
C ARG E 183 29.28 -18.91 -27.10
N TYR E 184 28.10 -18.56 -26.59
CA TYR E 184 27.97 -18.08 -25.22
C TYR E 184 28.05 -19.24 -24.23
N LEU E 185 29.28 -19.68 -23.92
CA LEU E 185 29.48 -20.95 -23.24
C LEU E 185 29.52 -20.91 -21.69
N ARG E 186 29.62 -19.73 -21.12
CA ARG E 186 29.41 -19.57 -19.68
C ARG E 186 30.53 -20.01 -18.74
N GLY E 187 31.64 -19.25 -18.78
CA GLY E 187 32.76 -19.55 -17.93
C GLY E 187 33.56 -20.68 -18.52
N THR E 188 34.07 -21.56 -17.66
CA THR E 188 34.92 -22.64 -18.13
C THR E 188 34.12 -23.64 -18.99
N HIS E 189 34.73 -24.06 -20.10
CA HIS E 189 34.10 -25.03 -20.99
C HIS E 189 35.11 -26.06 -21.46
N GLY E 190 34.62 -27.27 -21.74
CA GLY E 190 35.45 -28.34 -22.24
C GLY E 190 35.79 -28.13 -23.70
N SER E 191 34.78 -27.79 -24.51
CA SER E 191 35.04 -27.57 -25.93
C SER E 191 36.20 -26.59 -26.11
N PHE E 192 36.99 -26.80 -27.15
CA PHE E 192 38.19 -26.00 -27.38
C PHE E 192 37.95 -24.69 -28.11
N ALA E 193 38.28 -23.59 -27.44
CA ALA E 193 38.44 -22.27 -28.09
C ALA E 193 37.26 -21.85 -28.96
N ASN E 194 36.06 -22.33 -28.65
CA ASN E 194 34.90 -22.00 -29.44
C ASN E 194 33.90 -21.18 -28.66
N GLY E 195 34.38 -20.47 -27.64
CA GLY E 195 33.51 -19.63 -26.81
C GLY E 195 33.87 -18.18 -27.00
N ILE E 196 33.30 -17.31 -26.17
CA ILE E 196 33.69 -15.91 -26.21
C ILE E 196 35.06 -15.79 -25.55
N ASN E 197 36.11 -15.93 -26.35
CA ASN E 197 37.45 -16.10 -25.82
C ASN E 197 38.44 -15.01 -26.24
N TRP E 198 39.25 -14.58 -25.27
CA TRP E 198 40.37 -13.67 -25.48
C TRP E 198 41.54 -14.39 -24.84
N LYS E 199 42.48 -14.86 -25.65
CA LYS E 199 43.51 -15.79 -25.15
C LYS E 199 44.36 -15.22 -24.01
N SER E 200 44.92 -14.02 -24.23
CA SER E 200 45.63 -13.33 -23.16
C SER E 200 44.71 -12.98 -21.97
N GLY E 201 43.40 -13.12 -22.16
CA GLY E 201 42.45 -12.87 -21.08
C GLY E 201 42.33 -14.07 -20.16
N LYS E 202 41.43 -14.99 -20.47
CA LYS E 202 41.28 -16.20 -19.68
C LYS E 202 41.42 -17.45 -20.54
N GLY E 203 42.09 -17.32 -21.69
CA GLY E 203 42.48 -18.49 -22.49
C GLY E 203 41.41 -19.12 -23.36
N TYR E 204 41.67 -20.31 -23.86
CA TYR E 204 40.82 -20.96 -24.84
C TYR E 204 39.68 -21.82 -24.25
N ASN E 205 39.50 -21.79 -22.94
CA ASN E 205 38.47 -22.62 -22.27
C ASN E 205 37.64 -21.85 -21.25
N TYR E 206 37.55 -20.54 -21.45
CA TYR E 206 36.67 -19.72 -20.64
C TYR E 206 35.99 -18.66 -21.50
N SER E 207 34.67 -18.62 -21.39
CA SER E 207 33.85 -17.72 -22.17
C SER E 207 33.31 -16.63 -21.26
N TYR E 208 33.61 -15.38 -21.62
CA TYR E 208 33.18 -14.22 -20.83
C TYR E 208 31.67 -14.10 -20.71
N LYS E 209 31.25 -13.34 -19.71
CA LYS E 209 29.86 -13.06 -19.46
C LYS E 209 29.49 -11.79 -20.22
N VAL E 210 30.43 -10.87 -20.33
CA VAL E 210 30.18 -9.66 -21.11
C VAL E 210 31.28 -9.36 -22.09
N SER E 211 30.88 -8.79 -23.23
CA SER E 211 31.80 -8.35 -24.26
C SER E 211 31.21 -7.17 -25.01
N GLU E 212 32.01 -6.12 -25.18
CA GLU E 212 31.63 -4.93 -25.93
C GLU E 212 32.81 -4.43 -26.76
N MET E 213 32.55 -4.11 -28.02
CA MET E 213 33.58 -3.51 -28.88
C MET E 213 33.05 -2.18 -29.37
N LYS E 214 33.88 -1.14 -29.30
CA LYS E 214 33.41 0.23 -29.53
C LYS E 214 34.52 1.15 -30.07
N VAL E 215 34.15 2.20 -30.79
CA VAL E 215 35.12 3.12 -31.38
C VAL E 215 34.85 4.59 -31.03
N ARG E 216 35.87 5.42 -31.25
CA ARG E 216 35.78 6.85 -30.97
C ARG E 216 36.84 7.61 -31.80
N PRO E 217 36.52 8.84 -32.28
CA PRO E 217 37.53 9.54 -33.04
C PRO E 217 38.73 9.84 -32.18
N ALA E 218 39.92 9.52 -32.66
CA ALA E 218 41.12 10.02 -32.02
C ALA E 218 41.33 11.44 -32.53
N PRO F 7 6.05 4.88 -42.29
CA PRO F 7 6.07 3.46 -41.96
C PRO F 7 4.81 3.06 -41.18
N ARG F 8 4.06 2.10 -41.70
CA ARG F 8 2.82 1.67 -41.04
C ARG F 8 3.04 0.43 -40.19
N THR F 9 4.10 -0.32 -40.46
CA THR F 9 4.34 -1.57 -39.76
C THR F 9 5.82 -1.74 -39.46
N CYS F 10 6.17 -2.81 -38.75
CA CYS F 10 7.56 -3.14 -38.53
C CYS F 10 8.16 -3.68 -39.82
N LYS F 11 7.34 -4.33 -40.64
CA LYS F 11 7.79 -4.83 -41.95
C LYS F 11 8.28 -3.70 -42.86
N ASP F 12 7.61 -2.55 -42.82
CA ASP F 12 8.05 -1.38 -43.57
C ASP F 12 9.42 -0.95 -43.12
N LEU F 13 9.60 -0.85 -41.81
CA LEU F 13 10.86 -0.43 -41.24
C LEU F 13 12.00 -1.37 -41.63
N LEU F 14 11.76 -2.67 -41.55
CA LEU F 14 12.73 -3.65 -42.01
C LEU F 14 13.10 -3.31 -43.46
N ASP F 15 12.10 -2.94 -44.25
CA ASP F 15 12.31 -2.76 -45.67
C ASP F 15 13.09 -1.51 -45.99
N ARG F 16 12.96 -0.51 -45.13
CA ARG F 16 13.73 0.71 -45.26
C ARG F 16 15.07 0.59 -44.52
N GLY F 17 15.48 -0.64 -44.22
CA GLY F 17 16.83 -0.91 -43.72
C GLY F 17 17.11 -0.76 -42.23
N HIS F 18 16.10 -0.97 -41.39
CA HIS F 18 16.31 -1.00 -39.94
C HIS F 18 16.48 -2.44 -39.47
N PHE F 19 17.73 -2.91 -39.41
CA PHE F 19 17.99 -4.34 -39.21
C PHE F 19 18.07 -4.77 -37.76
N LEU F 20 18.02 -3.84 -36.81
CA LEU F 20 18.12 -4.19 -35.40
C LEU F 20 16.75 -4.16 -34.70
N SER F 21 16.49 -5.14 -33.83
CA SER F 21 15.24 -5.19 -33.07
C SER F 21 15.24 -4.11 -32.01
N GLY F 22 14.06 -3.55 -31.74
CA GLY F 22 13.94 -2.46 -30.77
C GLY F 22 12.70 -1.64 -31.02
N TRP F 23 12.55 -0.56 -30.27
CA TRP F 23 11.34 0.24 -30.34
C TRP F 23 11.41 1.28 -31.48
N HIS F 24 10.46 1.20 -32.39
CA HIS F 24 10.38 2.14 -33.48
C HIS F 24 8.98 2.66 -33.40
N THR F 25 8.76 3.84 -33.96
CA THR F 25 7.42 4.39 -33.99
C THR F 25 6.79 4.16 -35.37
N ILE F 26 5.61 3.57 -35.38
CA ILE F 26 4.85 3.36 -36.62
C ILE F 26 3.63 4.27 -36.66
N TYR F 27 2.92 4.26 -37.78
CA TYR F 27 1.71 5.05 -37.93
C TYR F 27 0.51 4.16 -38.18
N LEU F 28 -0.38 4.12 -37.18
CA LEU F 28 -1.61 3.35 -37.30
C LEU F 28 -2.45 3.94 -38.44
N PRO F 29 -3.33 3.12 -39.04
CA PRO F 29 -4.11 3.52 -40.22
C PRO F 29 -4.71 4.93 -40.16
N ASP F 30 -5.09 5.39 -38.96
CA ASP F 30 -5.64 6.74 -38.77
C ASP F 30 -4.53 7.79 -38.67
N CYS F 31 -3.29 7.33 -38.82
CA CYS F 31 -2.09 8.17 -38.70
C CYS F 31 -1.76 8.62 -37.28
N ARG F 32 -2.31 7.93 -36.29
CA ARG F 32 -1.84 8.10 -34.92
C ARG F 32 -0.52 7.33 -34.74
N PRO F 33 0.52 8.01 -34.25
CA PRO F 33 1.80 7.38 -33.97
C PRO F 33 1.71 6.41 -32.78
N LEU F 34 2.55 5.37 -32.80
CA LEU F 34 2.54 4.32 -31.81
C LEU F 34 3.91 3.66 -31.77
N THR F 35 4.62 3.83 -30.67
CA THR F 35 5.92 3.19 -30.50
C THR F 35 5.72 1.72 -30.14
N VAL F 36 6.23 0.86 -31.02
CA VAL F 36 6.03 -0.57 -30.92
C VAL F 36 7.36 -1.28 -30.95
N LEU F 37 7.39 -2.51 -30.45
CA LEU F 37 8.59 -3.32 -30.48
C LEU F 37 8.71 -4.09 -31.79
N CYS F 38 9.79 -3.86 -32.51
CA CYS F 38 10.00 -4.55 -33.77
C CYS F 38 11.01 -5.66 -33.60
N ASP F 39 10.58 -6.90 -33.82
CA ASP F 39 11.50 -8.03 -33.88
C ASP F 39 11.99 -8.09 -35.31
N MET F 40 13.26 -7.77 -35.51
CA MET F 40 13.85 -7.78 -36.87
C MET F 40 14.65 -9.06 -37.16
N ASP F 41 14.58 -10.06 -36.28
CA ASP F 41 15.42 -11.24 -36.44
C ASP F 41 14.67 -12.53 -36.77
N THR F 42 13.67 -12.87 -35.97
CA THR F 42 12.96 -14.15 -36.05
C THR F 42 12.26 -14.40 -37.37
N ASP F 43 12.48 -15.58 -37.95
CA ASP F 43 11.70 -16.03 -39.08
C ASP F 43 11.58 -14.94 -40.14
N GLY F 44 12.70 -14.31 -40.49
CA GLY F 44 12.68 -13.34 -41.59
C GLY F 44 12.60 -11.89 -41.18
N GLY F 45 12.22 -11.63 -39.93
CA GLY F 45 12.13 -10.27 -39.43
C GLY F 45 10.83 -9.57 -39.77
N GLY F 46 10.66 -8.35 -39.24
CA GLY F 46 9.50 -7.53 -39.56
C GLY F 46 8.26 -7.72 -38.72
N TRP F 47 8.41 -8.28 -37.51
CA TRP F 47 7.27 -8.55 -36.64
C TRP F 47 7.00 -7.42 -35.64
N THR F 48 5.74 -7.06 -35.47
CA THR F 48 5.35 -6.17 -34.38
C THR F 48 4.97 -7.01 -33.18
N VAL F 49 5.71 -6.83 -32.09
CA VAL F 49 5.51 -7.61 -30.88
C VAL F 49 4.46 -6.96 -29.99
N PHE F 50 3.43 -7.71 -29.61
CA PHE F 50 2.39 -7.11 -28.76
C PHE F 50 2.27 -7.72 -27.36
N GLN F 51 2.98 -8.81 -27.12
CA GLN F 51 3.09 -9.32 -25.75
C GLN F 51 4.50 -9.89 -25.45
N ARG F 52 5.01 -9.67 -24.25
CA ARG F 52 6.32 -10.21 -23.92
C ARG F 52 6.45 -10.56 -22.42
N ARG F 53 6.72 -11.84 -22.15
CA ARG F 53 7.11 -12.31 -20.81
C ARG F 53 8.56 -12.74 -20.92
N VAL F 54 9.32 -12.49 -19.87
CA VAL F 54 10.74 -12.82 -19.91
C VAL F 54 11.35 -13.13 -18.53
N ASP F 55 10.97 -12.39 -17.49
CA ASP F 55 11.64 -12.53 -16.20
C ASP F 55 10.72 -12.59 -14.98
N GLY F 56 9.43 -12.27 -15.16
CA GLY F 56 8.46 -12.36 -14.07
C GLY F 56 8.28 -11.06 -13.29
N SER F 57 8.82 -9.97 -13.81
CA SER F 57 8.81 -8.70 -13.08
C SER F 57 7.48 -7.96 -13.18
N VAL F 58 6.75 -8.14 -14.27
CA VAL F 58 5.49 -7.43 -14.39
C VAL F 58 4.33 -8.34 -13.99
N ASP F 59 3.38 -7.78 -13.26
CA ASP F 59 2.18 -8.51 -12.88
C ASP F 59 1.19 -8.48 -14.03
N PHE F 60 0.80 -9.67 -14.51
CA PHE F 60 -0.12 -9.78 -15.66
C PHE F 60 -1.55 -10.12 -15.25
N TYR F 61 -1.79 -10.24 -13.95
CA TYR F 61 -3.11 -10.59 -13.47
C TYR F 61 -3.95 -9.32 -13.29
N ARG F 62 -4.27 -8.68 -14.42
CA ARG F 62 -4.85 -7.34 -14.40
C ARG F 62 -6.32 -7.29 -14.78
N ASP F 63 -6.91 -6.11 -14.74
CA ASP F 63 -8.32 -5.94 -15.05
C ASP F 63 -8.55 -5.53 -16.50
N TRP F 64 -9.81 -5.42 -16.88
CA TRP F 64 -10.20 -5.02 -18.24
C TRP F 64 -9.57 -3.69 -18.72
N ALA F 65 -9.60 -2.66 -17.86
CA ALA F 65 -9.13 -1.32 -18.24
C ALA F 65 -7.66 -1.31 -18.63
N THR F 66 -6.87 -2.04 -17.85
CA THR F 66 -5.41 -2.09 -18.00
C THR F 66 -4.98 -2.89 -19.22
N TYR F 67 -5.77 -3.91 -19.56
CA TYR F 67 -5.48 -4.66 -20.76
C TYR F 67 -5.91 -3.88 -21.99
N LYS F 68 -6.92 -3.03 -21.82
CA LYS F 68 -7.43 -2.23 -22.91
C LYS F 68 -6.36 -1.26 -23.38
N GLN F 69 -5.74 -0.57 -22.43
CA GLN F 69 -4.78 0.48 -22.72
C GLN F 69 -3.32 0.03 -22.82
N GLY F 70 -3.01 -1.15 -22.30
CA GLY F 70 -1.65 -1.67 -22.33
C GLY F 70 -0.92 -1.42 -21.02
N PHE F 71 0.06 -2.25 -20.71
CA PHE F 71 0.83 -2.10 -19.46
C PHE F 71 2.16 -2.81 -19.54
N GLY F 72 3.13 -2.35 -18.75
CA GLY F 72 4.46 -2.94 -18.71
C GLY F 72 5.56 -1.97 -19.07
N SER F 73 6.72 -2.49 -19.42
CA SER F 73 7.86 -1.66 -19.72
C SER F 73 8.47 -2.03 -21.06
N ARG F 74 8.83 -1.02 -21.85
CA ARG F 74 9.63 -1.24 -23.04
C ARG F 74 10.92 -1.93 -22.63
N LEU F 75 11.28 -1.76 -21.37
CA LEU F 75 12.51 -2.35 -20.85
C LEU F 75 12.35 -3.80 -20.44
N GLY F 76 11.17 -4.37 -20.61
CA GLY F 76 10.95 -5.74 -20.11
C GLY F 76 9.69 -6.39 -20.62
N GLU F 77 8.80 -6.72 -19.68
CA GLU F 77 7.59 -7.46 -19.98
C GLU F 77 6.47 -6.47 -20.22
N PHE F 78 5.53 -6.79 -21.11
CA PHE F 78 4.48 -5.83 -21.42
C PHE F 78 3.33 -6.44 -22.25
N TRP F 79 2.23 -5.67 -22.31
CA TRP F 79 1.10 -5.99 -23.16
C TRP F 79 0.74 -4.72 -23.89
N LEU F 80 0.84 -4.73 -25.22
CA LEU F 80 0.71 -3.51 -26.01
C LEU F 80 -0.63 -2.84 -25.71
N GLY F 81 -1.64 -3.65 -25.49
CA GLY F 81 -2.95 -3.12 -25.15
C GLY F 81 -3.94 -3.47 -26.22
N ASN F 82 -5.10 -3.94 -25.78
CA ASN F 82 -6.11 -4.43 -26.70
C ASN F 82 -6.51 -3.42 -27.78
N ASP F 83 -6.66 -2.14 -27.46
CA ASP F 83 -7.02 -1.16 -28.48
C ASP F 83 -5.99 -1.09 -29.59
N ASN F 84 -4.74 -0.89 -29.20
CA ASN F 84 -3.64 -0.91 -30.14
C ASN F 84 -3.60 -2.17 -30.98
N ILE F 85 -3.81 -3.32 -30.35
CA ILE F 85 -3.75 -4.60 -31.04
C ILE F 85 -4.84 -4.71 -32.10
N HIS F 86 -6.00 -4.13 -31.81
CA HIS F 86 -7.06 -4.08 -32.80
C HIS F 86 -6.70 -3.14 -33.94
N ALA F 87 -6.29 -1.91 -33.62
CA ALA F 87 -5.84 -0.98 -34.64
C ALA F 87 -4.74 -1.61 -35.49
N LEU F 88 -3.83 -2.33 -34.83
CA LEU F 88 -2.73 -2.97 -35.52
C LEU F 88 -3.22 -3.96 -36.53
N THR F 89 -4.22 -4.74 -36.15
CA THR F 89 -4.68 -5.84 -36.97
C THR F 89 -5.96 -5.45 -37.70
N ALA F 90 -6.28 -4.17 -37.66
CA ALA F 90 -7.49 -3.61 -38.27
C ALA F 90 -7.59 -3.94 -39.76
N GLN F 91 -6.69 -3.38 -40.55
CA GLN F 91 -6.74 -3.57 -42.01
C GLN F 91 -5.85 -4.71 -42.51
N GLY F 92 -6.28 -5.32 -43.61
CA GLY F 92 -5.47 -6.29 -44.32
C GLY F 92 -5.39 -7.65 -43.65
N THR F 93 -4.20 -8.22 -43.65
CA THR F 93 -4.02 -9.56 -43.14
C THR F 93 -2.73 -9.65 -42.37
N SER F 94 -2.85 -10.09 -41.12
CA SER F 94 -1.71 -10.19 -40.23
C SER F 94 -1.48 -11.62 -39.77
N GLU F 95 -0.25 -12.06 -39.88
CA GLU F 95 0.13 -13.42 -39.54
C GLU F 95 0.66 -13.39 -38.12
N LEU F 96 0.29 -14.39 -37.33
CA LEU F 96 0.69 -14.39 -35.93
C LEU F 96 1.77 -15.41 -35.69
N ARG F 97 2.79 -15.01 -34.95
CA ARG F 97 3.77 -15.96 -34.47
C ARG F 97 3.82 -15.88 -32.95
N THR F 98 3.77 -17.05 -32.31
CA THR F 98 4.01 -17.17 -30.88
C THR F 98 5.37 -17.79 -30.67
N ASP F 99 6.26 -17.07 -29.98
CA ASP F 99 7.55 -17.63 -29.65
C ASP F 99 7.63 -17.94 -28.15
N LEU F 100 8.21 -19.09 -27.81
CA LEU F 100 8.29 -19.57 -26.45
C LEU F 100 9.67 -20.19 -26.17
N VAL F 101 10.18 -20.02 -24.94
CA VAL F 101 11.47 -20.55 -24.53
C VAL F 101 11.33 -21.15 -23.13
N ASP F 102 11.81 -22.39 -22.93
CA ASP F 102 11.75 -23.01 -21.60
C ASP F 102 13.00 -22.65 -20.80
N PHE F 103 13.07 -23.11 -19.56
CA PHE F 103 14.21 -22.77 -18.69
C PHE F 103 15.45 -23.62 -18.97
N GLU F 104 15.53 -24.22 -20.15
CA GLU F 104 16.74 -24.89 -20.56
C GLU F 104 17.23 -24.29 -21.86
N ASP F 105 16.53 -23.25 -22.31
CA ASP F 105 16.79 -22.53 -23.56
C ASP F 105 16.32 -23.25 -24.83
N ASN F 106 15.40 -24.20 -24.69
CA ASN F 106 14.76 -24.81 -25.85
C ASN F 106 13.68 -23.89 -26.41
N TYR F 107 13.70 -23.67 -27.73
CA TYR F 107 12.73 -22.77 -28.36
C TYR F 107 11.59 -23.54 -28.99
N GLN F 108 10.36 -23.05 -28.81
CA GLN F 108 9.20 -23.64 -29.45
C GLN F 108 8.44 -22.49 -30.08
N PHE F 109 7.74 -22.74 -31.18
CA PHE F 109 6.98 -21.66 -31.79
C PHE F 109 5.66 -22.14 -32.39
N ALA F 110 4.77 -21.20 -32.68
CA ALA F 110 3.54 -21.49 -33.40
C ALA F 110 3.23 -20.33 -34.33
N LYS F 111 2.75 -20.64 -35.53
CA LYS F 111 2.52 -19.65 -36.56
C LYS F 111 1.10 -19.81 -37.11
N TYR F 112 0.42 -18.70 -37.32
CA TYR F 112 -0.96 -18.75 -37.78
C TYR F 112 -1.20 -17.87 -39.01
N ARG F 113 -1.86 -18.44 -40.03
CA ARG F 113 -2.08 -17.77 -41.31
C ARG F 113 -2.54 -16.32 -41.16
N SER F 114 -3.52 -16.10 -40.29
CA SER F 114 -4.01 -14.75 -40.00
C SER F 114 -4.46 -14.63 -38.55
N PHE F 115 -4.63 -13.40 -38.11
CA PHE F 115 -4.91 -13.11 -36.72
C PHE F 115 -5.51 -11.73 -36.62
N LYS F 116 -6.65 -11.63 -35.95
CA LYS F 116 -7.33 -10.36 -35.81
C LYS F 116 -8.05 -10.31 -34.46
N VAL F 117 -8.08 -9.14 -33.83
CA VAL F 117 -8.93 -8.94 -32.65
C VAL F 117 -9.88 -7.78 -32.91
N ALA F 118 -11.16 -7.99 -32.64
CA ALA F 118 -12.18 -6.97 -32.85
C ALA F 118 -12.06 -5.82 -31.85
N ASP F 119 -12.92 -4.82 -31.97
CA ASP F 119 -12.81 -3.67 -31.07
C ASP F 119 -13.44 -3.95 -29.71
N GLU F 120 -13.36 -2.97 -28.81
CA GLU F 120 -13.87 -3.17 -27.46
C GLU F 120 -15.34 -3.54 -27.44
N ALA F 121 -16.13 -2.93 -28.31
CA ALA F 121 -17.55 -3.27 -28.42
C ALA F 121 -17.75 -4.78 -28.60
N GLU F 122 -16.92 -5.41 -29.42
CA GLU F 122 -17.05 -6.83 -29.65
C GLU F 122 -16.10 -7.63 -28.75
N LYS F 123 -15.90 -7.10 -27.53
CA LYS F 123 -15.11 -7.76 -26.47
C LYS F 123 -13.76 -8.29 -26.96
N TYR F 124 -13.10 -7.54 -27.84
CA TYR F 124 -11.82 -7.94 -28.41
C TYR F 124 -11.79 -9.39 -28.91
N ASN F 125 -12.88 -9.80 -29.53
CA ASN F 125 -13.03 -11.15 -30.03
C ASN F 125 -11.84 -11.62 -30.85
N LEU F 126 -11.50 -12.91 -30.73
CA LEU F 126 -10.36 -13.45 -31.42
C LEU F 126 -10.79 -13.94 -32.77
N VAL F 127 -10.15 -13.45 -33.81
CA VAL F 127 -10.39 -13.97 -35.15
C VAL F 127 -9.07 -14.57 -35.65
N LEU F 128 -9.01 -15.90 -35.65
CA LEU F 128 -7.78 -16.61 -35.95
C LEU F 128 -7.87 -17.36 -37.27
N GLY F 129 -6.76 -17.47 -37.99
CA GLY F 129 -6.70 -18.23 -39.22
C GLY F 129 -6.19 -19.62 -38.92
N ALA F 130 -5.83 -20.37 -39.96
CA ALA F 130 -5.34 -21.74 -39.80
C ALA F 130 -3.97 -21.82 -39.13
N PHE F 131 -3.72 -22.93 -38.43
CA PHE F 131 -2.41 -23.25 -37.87
C PHE F 131 -1.52 -23.66 -39.02
N VAL F 132 -0.52 -22.86 -39.34
CA VAL F 132 0.38 -23.26 -40.42
C VAL F 132 1.48 -24.26 -40.00
N GLU F 133 2.12 -24.15 -38.82
CA GLU F 133 3.28 -25.06 -38.62
C GLU F 133 4.03 -25.26 -37.29
N GLY F 134 4.09 -24.26 -36.37
CA GLY F 134 5.05 -24.35 -35.25
C GLY F 134 5.25 -25.66 -34.46
N SER F 135 6.36 -25.74 -33.71
CA SER F 135 6.70 -26.91 -32.90
C SER F 135 6.15 -26.88 -31.47
N ALA F 136 5.40 -25.83 -31.13
CA ALA F 136 4.79 -25.76 -29.82
C ALA F 136 3.48 -26.52 -29.90
N GLY F 137 3.06 -26.79 -31.13
CA GLY F 137 1.74 -27.33 -31.39
C GLY F 137 0.72 -26.22 -31.46
N ASP F 138 -0.50 -26.56 -31.82
CA ASP F 138 -1.58 -25.58 -31.90
C ASP F 138 -2.38 -25.59 -30.63
N SER F 139 -2.12 -24.63 -29.75
CA SER F 139 -2.94 -24.47 -28.55
C SER F 139 -3.61 -23.11 -28.57
N LEU F 140 -4.10 -22.69 -29.73
CA LEU F 140 -4.83 -21.42 -29.86
C LEU F 140 -6.13 -21.53 -30.64
N THR F 141 -6.12 -22.35 -31.69
CA THR F 141 -7.33 -22.56 -32.47
C THR F 141 -8.55 -22.81 -31.60
N PHE F 142 -8.40 -23.69 -30.62
CA PHE F 142 -9.43 -23.97 -29.61
C PHE F 142 -10.10 -22.69 -29.15
N HIS F 143 -9.36 -21.59 -29.09
CA HIS F 143 -9.87 -20.35 -28.51
C HIS F 143 -10.48 -19.39 -29.51
N ASN F 144 -10.42 -19.75 -30.79
CA ASN F 144 -10.97 -18.92 -31.85
C ASN F 144 -12.45 -18.56 -31.66
N ASN F 145 -12.79 -17.32 -31.97
CA ASN F 145 -14.16 -16.79 -31.87
C ASN F 145 -14.67 -16.69 -30.43
N GLN F 146 -13.77 -16.40 -29.50
CA GLN F 146 -14.13 -16.11 -28.12
C GLN F 146 -13.80 -14.67 -27.72
N SER F 147 -14.54 -14.16 -26.75
CA SER F 147 -14.27 -12.84 -26.21
C SER F 147 -13.05 -12.89 -25.30
N PHE F 148 -12.50 -11.72 -24.99
CA PHE F 148 -11.37 -11.64 -24.08
C PHE F 148 -11.94 -11.49 -22.66
N SER F 149 -11.33 -12.16 -21.70
CA SER F 149 -11.84 -12.11 -20.34
C SER F 149 -10.78 -11.66 -19.37
N THR F 150 -11.14 -10.78 -18.44
CA THR F 150 -10.26 -10.49 -17.32
C THR F 150 -11.02 -10.80 -16.04
N LYS F 151 -10.36 -10.66 -14.89
CA LYS F 151 -11.00 -11.02 -13.62
C LYS F 151 -12.31 -10.25 -13.40
N ASP F 152 -12.27 -8.95 -13.60
CA ASP F 152 -13.43 -8.12 -13.37
C ASP F 152 -14.45 -8.16 -14.50
N GLN F 153 -14.13 -8.86 -15.59
CA GLN F 153 -15.10 -8.95 -16.69
C GLN F 153 -15.17 -10.31 -17.39
N ASP F 154 -15.98 -11.19 -16.81
CA ASP F 154 -16.11 -12.56 -17.24
C ASP F 154 -16.93 -12.62 -18.52
N ASN F 155 -16.32 -13.15 -19.58
CA ASN F 155 -17.03 -13.35 -20.84
C ASN F 155 -16.84 -14.79 -21.33
N ASP F 156 -16.45 -15.68 -20.41
CA ASP F 156 -16.13 -17.06 -20.79
C ASP F 156 -17.33 -18.00 -20.86
N LEU F 157 -17.08 -19.27 -21.16
CA LEU F 157 -18.15 -20.24 -21.23
C LEU F 157 -18.07 -21.18 -20.04
N ASN F 158 -17.61 -20.66 -18.90
CA ASN F 158 -17.53 -21.45 -17.68
C ASN F 158 -18.44 -20.83 -16.64
N THR F 159 -19.11 -21.67 -15.86
CA THR F 159 -20.01 -21.17 -14.82
C THR F 159 -19.27 -20.30 -13.82
N GLY F 160 -17.98 -20.57 -13.64
CA GLY F 160 -17.15 -19.72 -12.79
C GLY F 160 -16.27 -18.77 -13.60
N ASN F 161 -15.27 -18.20 -12.93
CA ASN F 161 -14.37 -17.20 -13.53
C ASN F 161 -12.99 -17.77 -13.90
N CYS F 162 -12.78 -18.11 -15.18
CA CYS F 162 -11.50 -18.72 -15.60
C CYS F 162 -10.29 -17.82 -15.32
N ALA F 163 -10.46 -16.52 -15.50
CA ALA F 163 -9.37 -15.58 -15.25
C ALA F 163 -8.92 -15.71 -13.80
N VAL F 164 -9.89 -15.80 -12.88
CA VAL F 164 -9.57 -16.00 -11.47
C VAL F 164 -9.09 -17.43 -11.23
N MET F 165 -9.66 -18.37 -11.97
CA MET F 165 -9.32 -19.75 -11.72
C MET F 165 -7.96 -20.09 -12.27
N PHE F 166 -7.44 -19.26 -13.15
CA PHE F 166 -6.13 -19.57 -13.75
C PHE F 166 -5.22 -18.35 -13.79
N GLN F 167 -5.58 -17.35 -12.98
CA GLN F 167 -4.82 -16.12 -12.83
C GLN F 167 -4.18 -15.61 -14.12
N GLY F 168 -5.03 -15.31 -15.10
CA GLY F 168 -4.58 -14.74 -16.37
C GLY F 168 -5.61 -13.87 -17.06
N ALA F 169 -5.36 -13.54 -18.32
CA ALA F 169 -6.32 -12.80 -19.15
C ALA F 169 -6.20 -13.36 -20.55
N TRP F 170 -7.32 -13.79 -21.12
CA TRP F 170 -7.26 -14.57 -22.33
C TRP F 170 -8.62 -14.64 -23.00
N TRP F 171 -8.66 -15.24 -24.17
CA TRP F 171 -9.90 -15.53 -24.83
C TRP F 171 -10.38 -16.84 -24.23
N TYR F 172 -10.58 -16.83 -22.92
CA TYR F 172 -11.04 -18.00 -22.16
C TYR F 172 -12.41 -18.55 -22.59
N LYS F 173 -12.48 -19.87 -22.78
CA LYS F 173 -13.75 -20.56 -22.97
C LYS F 173 -14.16 -21.35 -21.72
N ASN F 174 -13.64 -22.56 -21.58
CA ASN F 174 -14.05 -23.43 -20.51
C ASN F 174 -13.01 -24.50 -20.19
N CYS F 175 -11.77 -24.10 -19.92
CA CYS F 175 -11.37 -22.70 -19.90
C CYS F 175 -10.31 -22.37 -20.96
N HIS F 176 -9.22 -23.11 -20.95
CA HIS F 176 -8.16 -22.80 -21.88
C HIS F 176 -7.26 -23.99 -22.17
N THR F 177 -6.60 -23.93 -23.31
CA THR F 177 -5.52 -24.83 -23.61
C THR F 177 -4.23 -24.03 -23.81
N SER F 178 -4.36 -22.70 -23.74
CA SER F 178 -3.21 -21.79 -23.73
C SER F 178 -3.48 -20.69 -22.71
N ASN F 179 -2.43 -20.18 -22.06
CA ASN F 179 -2.62 -19.25 -20.95
C ASN F 179 -1.45 -18.30 -20.80
N LEU F 180 -0.99 -17.76 -21.92
CA LEU F 180 0.29 -17.03 -21.99
C LEU F 180 0.36 -15.80 -21.10
N ASN F 181 -0.79 -15.29 -20.68
CA ASN F 181 -0.81 -14.20 -19.70
C ASN F 181 -0.94 -14.72 -18.26
N GLY F 182 -0.70 -16.02 -18.06
CA GLY F 182 -0.77 -16.61 -16.73
C GLY F 182 0.37 -16.21 -15.81
N ARG F 183 0.43 -16.81 -14.62
CA ARG F 183 1.45 -16.45 -13.64
C ARG F 183 2.83 -16.98 -13.98
N TYR F 184 3.85 -16.18 -13.69
CA TYR F 184 5.23 -16.56 -13.99
C TYR F 184 5.75 -17.59 -12.97
N LEU F 185 5.42 -18.87 -13.19
CA LEU F 185 5.62 -19.90 -12.19
C LEU F 185 6.96 -20.63 -12.25
N ARG F 186 7.77 -20.31 -13.25
N ARG F 186 7.77 -20.28 -13.25
CA ARG F 186 9.14 -20.81 -13.33
CA ARG F 186 9.14 -20.79 -13.38
C ARG F 186 9.28 -22.34 -13.44
C ARG F 186 9.27 -22.33 -13.45
N GLY F 187 8.99 -22.88 -14.63
CA GLY F 187 9.20 -24.31 -14.89
C GLY F 187 8.01 -25.19 -14.56
N THR F 188 8.28 -26.44 -14.19
CA THR F 188 7.20 -27.35 -13.82
C THR F 188 6.55 -26.83 -12.54
N HIS F 189 5.23 -26.83 -12.48
CA HIS F 189 4.51 -26.50 -11.24
C HIS F 189 3.43 -27.53 -10.96
N GLY F 190 3.18 -27.81 -9.69
CA GLY F 190 2.15 -28.76 -9.33
C GLY F 190 0.75 -28.19 -9.52
N SER F 191 0.61 -26.89 -9.28
CA SER F 191 -0.63 -26.20 -9.49
C SER F 191 -1.09 -26.33 -10.94
N PHE F 192 -2.38 -26.56 -11.11
CA PHE F 192 -2.93 -26.91 -12.40
C PHE F 192 -3.23 -25.71 -13.29
N ALA F 193 -2.49 -25.61 -14.40
CA ALA F 193 -2.84 -24.72 -15.52
C ALA F 193 -2.88 -23.22 -15.23
N ASN F 194 -2.10 -22.76 -14.26
CA ASN F 194 -2.16 -21.35 -13.93
C ASN F 194 -0.89 -20.58 -14.27
N GLY F 195 0.08 -21.24 -14.89
CA GLY F 195 1.32 -20.59 -15.27
C GLY F 195 1.31 -20.18 -16.72
N ILE F 196 2.46 -19.76 -17.24
CA ILE F 196 2.55 -19.47 -18.66
C ILE F 196 2.54 -20.79 -19.45
N ASN F 197 1.33 -21.27 -19.74
CA ASN F 197 1.14 -22.61 -20.27
C ASN F 197 0.61 -22.66 -21.69
N TRP F 198 1.12 -23.64 -22.43
CA TRP F 198 0.72 -23.91 -23.79
C TRP F 198 0.57 -25.42 -23.83
N LYS F 199 -0.67 -25.88 -23.82
CA LYS F 199 -0.95 -27.28 -23.50
C LYS F 199 -0.28 -28.29 -24.43
N SER F 200 -0.30 -28.03 -25.74
CA SER F 200 0.38 -28.91 -26.70
C SER F 200 1.90 -28.74 -26.65
N GLY F 201 2.37 -27.69 -25.97
CA GLY F 201 3.79 -27.41 -25.82
C GLY F 201 4.40 -28.20 -24.68
N LYS F 202 4.53 -27.60 -23.51
CA LYS F 202 5.09 -28.29 -22.36
C LYS F 202 4.02 -28.71 -21.37
N GLY F 203 2.77 -28.39 -21.68
CA GLY F 203 1.66 -28.91 -20.89
C GLY F 203 1.05 -27.91 -19.95
N TYR F 204 0.11 -28.39 -19.13
CA TYR F 204 -0.61 -27.56 -18.18
C TYR F 204 0.17 -27.32 -16.89
N ASN F 205 1.36 -27.87 -16.80
CA ASN F 205 2.13 -27.85 -15.56
C ASN F 205 3.55 -27.36 -15.79
N TYR F 206 3.76 -26.72 -16.92
CA TYR F 206 5.05 -26.12 -17.17
C TYR F 206 4.88 -24.67 -17.59
N SER F 207 5.68 -23.80 -16.99
CA SER F 207 5.58 -22.36 -17.19
C SER F 207 6.81 -21.83 -17.93
N TYR F 208 6.63 -21.38 -19.16
CA TYR F 208 7.75 -20.98 -20.00
C TYR F 208 8.59 -19.84 -19.43
N LYS F 209 9.85 -19.77 -19.84
CA LYS F 209 10.73 -18.70 -19.37
C LYS F 209 10.44 -17.42 -20.14
N VAL F 210 10.29 -17.55 -21.44
CA VAL F 210 9.99 -16.42 -22.29
C VAL F 210 8.77 -16.76 -23.12
N SER F 211 7.95 -15.74 -23.38
CA SER F 211 6.82 -15.85 -24.28
C SER F 211 6.69 -14.58 -25.13
N GLU F 212 6.45 -14.73 -26.43
CA GLU F 212 6.21 -13.55 -27.27
C GLU F 212 5.14 -13.79 -28.31
N MET F 213 4.22 -12.84 -28.42
CA MET F 213 3.21 -12.85 -29.47
C MET F 213 3.42 -11.66 -30.42
N LYS F 214 3.54 -11.95 -31.72
CA LYS F 214 3.89 -10.92 -32.69
C LYS F 214 3.14 -11.11 -34.02
N VAL F 215 2.98 -10.00 -34.75
CA VAL F 215 2.25 -10.02 -36.02
C VAL F 215 3.07 -9.44 -37.16
N ARG F 216 2.67 -9.76 -38.39
CA ARG F 216 3.35 -9.23 -39.58
C ARG F 216 2.46 -9.43 -40.79
N PRO F 217 2.39 -8.43 -41.68
CA PRO F 217 1.62 -8.57 -42.92
C PRO F 217 1.95 -9.86 -43.66
N ALA F 218 0.93 -10.59 -44.09
CA ALA F 218 1.16 -11.80 -44.86
C ALA F 218 1.58 -11.45 -46.30
#